data_5C8C
#
_entry.id   5C8C
#
_cell.length_a   347.900
_cell.length_b   347.900
_cell.length_c   347.900
_cell.angle_alpha   90.00
_cell.angle_beta   90.00
_cell.angle_gamma   90.00
#
_symmetry.space_group_name_H-M   'P 42 3 2'
#
loop_
_entity.id
_entity.type
_entity.pdbx_description
1 polymer VP1
2 polymer VP0
3 polymer VP3
4 non-polymer 'STEARIC ACID'
5 non-polymer 'CHLORIDE ION'
6 non-polymer 'POTASSIUM ION'
7 water water
#
loop_
_entity_poly.entity_id
_entity_poly.type
_entity_poly.pdbx_seq_one_letter_code
_entity_poly.pdbx_strand_id
1 'polypeptide(L)'
;GDPIADMIDQTVNNQVNRSLTALQVLPTAANTEASSHRLGTGVVPALQAAETGASSNASDKNLIETRCVLNHHSTQETAI
GNFFSRAGLVSIITMPTTGTQNTDGYVNWDIDLMGYAQLRRKCELFTYMRFDAEFTFVVAKPNGELVPQLLQYMYVPPGA
PKPTSRDSFAWQTATNPSVFVKMTDPPAQVSVPFMSPASAYQWFYDGYPTFGEHLQANDLDYGQCPNNMMGTFSIRTVGT
EKSPHSITLRVYMRIKHVRAWIPRPLRNQPYLFKTNPNYKGNDIKCTSTSRDKITTL
;
A
2 'polypeptide(L)'
;MGSQVSTQRSGSHENSNSASEGSTINYTTINYYKDAYAASAGRQDMSQDPKKFTDPVMDVIHEMAPPLKSPSAEACGYSD
RVAQLTIGNSTITTQEAANIVIAYGEWPEYCPDTDATAVDKPTRPDVSVNRFFTLDTKSWAKDSKGWYWKFPDVLTEVGV
FGQNAQFHYLYRSGFCVHVQCNASKFHQGALLVAVLPEYVLGTIAGGTGNENSHPPYATTQPGQVGAVLTHPYVLDAGIP
LSQLTVCPHQWINLRTNNCATIIVPYMNTVPFDSALNHCNFGLLVIPVVPLDFNTGATSEIPITVTIAPMCAEFAGLRQA
VKQ
;
B
3 'polypeptide(L)'
;GIPTELKPGTNQFLTTDDGVSAPILPGFHPTPPIHIPGEVHNLLEICRVETILEVNNLKTNETTPMQRLCFPVSVQSKTG
ELCAAFRADPGRDGPWQSTILGQLCRYYTQWSGSLEVTFMFAGSFMATGKMLIAYTPPGGNVPADRITAMLGTHVIWDFG
LQSSVTLVVPWISNTHYRAHARAGYFDYYTTGIITIWYQTNYVVPIGAPTTAYIVALAAAQDNFTMKLCKDTEDIEQTAN
IQ
;
C
#
loop_
_chem_comp.id
_chem_comp.type
_chem_comp.name
_chem_comp.formula
CL non-polymer 'CHLORIDE ION' 'Cl -1'
K non-polymer 'POTASSIUM ION' 'K 1'
STE non-polymer 'STEARIC ACID' 'C18 H36 O2'
#
# COMPACT_ATOMS: atom_id res chain seq x y z
N GLY A 1 39.01 -7.39 -35.42
CA GLY A 1 37.67 -7.25 -36.05
C GLY A 1 36.85 -6.11 -35.47
N ASP A 2 37.05 -5.85 -34.18
CA ASP A 2 36.33 -4.77 -33.48
C ASP A 2 37.32 -3.69 -33.04
N PRO A 3 37.27 -2.51 -33.68
CA PRO A 3 38.16 -1.38 -33.36
C PRO A 3 38.10 -0.90 -31.90
N ILE A 4 36.91 -1.01 -31.30
CA ILE A 4 36.68 -0.62 -29.90
C ILE A 4 36.12 -1.80 -29.09
N ALA A 5 36.86 -2.21 -28.06
CA ALA A 5 36.48 -3.32 -27.19
C ALA A 5 35.36 -2.95 -26.23
N ASP A 6 35.38 -1.73 -25.69
CA ASP A 6 34.34 -1.31 -24.74
C ASP A 6 32.93 -1.24 -25.34
N MET A 7 32.81 -1.45 -26.65
CA MET A 7 31.51 -1.44 -27.32
C MET A 7 31.38 -2.59 -28.34
N LEU A 23 5.34 -19.64 -7.33
CA LEU A 23 4.40 -18.81 -6.59
C LEU A 23 4.82 -18.61 -5.14
N GLN A 24 4.64 -17.38 -4.65
CA GLN A 24 5.00 -17.02 -3.29
C GLN A 24 4.11 -17.76 -2.28
N VAL A 25 2.80 -17.76 -2.53
CA VAL A 25 1.83 -18.44 -1.68
C VAL A 25 1.23 -19.69 -2.35
N LEU A 26 1.56 -20.84 -1.78
CA LEU A 26 1.10 -22.15 -2.27
C LEU A 26 -0.36 -22.38 -1.86
N PRO A 27 -1.04 -23.38 -2.47
CA PRO A 27 -2.45 -23.72 -2.19
C PRO A 27 -2.86 -24.00 -0.73
N THR A 28 -1.90 -24.45 0.10
CA THR A 28 -2.16 -24.70 1.53
C THR A 28 -1.03 -24.16 2.43
N ALA A 29 -1.34 -24.04 3.71
CA ALA A 29 -0.40 -23.54 4.73
C ALA A 29 0.74 -24.51 5.00
N ALA A 30 1.95 -23.99 5.13
CA ALA A 30 3.14 -24.80 5.41
C ALA A 30 2.92 -25.77 6.58
N ASN A 31 3.50 -26.96 6.47
CA ASN A 31 3.38 -27.94 7.54
C ASN A 31 4.42 -27.62 8.60
N THR A 32 4.28 -28.24 9.76
CA THR A 32 5.24 -28.07 10.81
C THR A 32 5.93 -29.42 10.93
N GLU A 33 7.27 -29.41 10.98
CA GLU A 33 8.02 -30.65 11.09
C GLU A 33 8.46 -30.87 12.53
N ALA A 34 8.44 -32.13 12.97
CA ALA A 34 8.86 -32.46 14.32
C ALA A 34 10.33 -32.01 14.47
N SER A 35 10.71 -31.57 15.67
CA SER A 35 12.08 -31.12 15.95
C SER A 35 13.14 -32.21 15.86
N SER A 59 9.63 -21.79 11.32
CA SER A 59 10.63 -21.25 12.23
C SER A 59 10.29 -21.55 13.69
N ASP A 60 9.13 -22.19 13.91
CA ASP A 60 8.70 -22.58 15.25
C ASP A 60 9.72 -23.63 15.66
N LYS A 61 9.88 -24.60 14.75
CA LYS A 61 10.81 -25.71 14.85
C LYS A 61 12.22 -25.16 14.69
N ASN A 62 12.52 -24.13 15.47
CA ASN A 62 13.81 -23.46 15.44
C ASN A 62 14.04 -22.86 16.82
N LEU A 63 12.97 -22.35 17.42
CA LEU A 63 13.04 -21.73 18.75
C LEU A 63 12.33 -22.53 19.84
N ILE A 64 11.54 -23.51 19.44
CA ILE A 64 10.83 -24.36 20.38
C ILE A 64 10.85 -25.77 19.79
N GLU A 65 10.55 -26.76 20.62
CA GLU A 65 10.49 -28.12 20.11
C GLU A 65 9.09 -28.27 19.53
N THR A 66 9.02 -28.81 18.31
CA THR A 66 7.74 -28.97 17.66
C THR A 66 7.39 -30.42 17.32
N ARG A 67 6.11 -30.62 17.02
CA ARG A 67 5.60 -31.92 16.63
C ARG A 67 5.36 -31.77 15.13
N CYS A 68 4.92 -32.84 14.51
CA CYS A 68 4.58 -32.77 13.09
C CYS A 68 3.09 -32.45 12.98
N VAL A 69 2.78 -31.49 12.10
CA VAL A 69 1.41 -31.10 11.86
C VAL A 69 1.21 -31.12 10.35
N LEU A 70 0.30 -31.97 9.89
CA LEU A 70 0.00 -32.05 8.47
C LEU A 70 -1.11 -30.99 8.26
N ASN A 71 -0.65 -29.76 7.99
CA ASN A 71 -1.48 -28.57 7.78
C ASN A 71 -1.99 -28.41 6.34
N HIS A 72 -3.29 -28.58 6.14
CA HIS A 72 -3.88 -28.47 4.82
C HIS A 72 -4.81 -27.27 4.68
N HIS A 73 -4.60 -26.25 5.51
CA HIS A 73 -5.41 -25.03 5.49
C HIS A 73 -5.19 -24.31 4.14
N SER A 74 -6.28 -23.97 3.46
CA SER A 74 -6.18 -23.34 2.15
C SER A 74 -5.83 -21.85 2.16
N THR A 75 -5.15 -21.42 1.09
CA THR A 75 -4.76 -20.02 0.95
C THR A 75 -5.59 -19.34 -0.15
N GLN A 76 -6.55 -20.07 -0.72
CA GLN A 76 -7.36 -19.52 -1.80
C GLN A 76 -8.18 -18.28 -1.49
N GLU A 77 -8.78 -18.22 -0.31
CA GLU A 77 -9.59 -17.07 0.00
C GLU A 77 -8.84 -15.76 0.12
N THR A 78 -7.52 -15.82 0.23
CA THR A 78 -6.75 -14.58 0.28
C THR A 78 -6.11 -14.24 -1.07
N ALA A 79 -6.49 -14.98 -2.12
CA ALA A 79 -6.03 -14.68 -3.48
C ALA A 79 -6.72 -13.33 -3.75
N ILE A 80 -6.01 -12.41 -4.40
CA ILE A 80 -6.62 -11.09 -4.58
C ILE A 80 -7.94 -11.13 -5.30
N GLY A 81 -8.11 -12.11 -6.18
CA GLY A 81 -9.38 -12.23 -6.89
C GLY A 81 -10.55 -12.43 -5.93
N ASN A 82 -10.40 -13.28 -4.91
CA ASN A 82 -11.51 -13.50 -3.99
C ASN A 82 -11.66 -12.32 -3.05
N PHE A 83 -10.57 -11.63 -2.76
CA PHE A 83 -10.63 -10.46 -1.90
C PHE A 83 -11.41 -9.33 -2.61
N PHE A 84 -11.16 -9.16 -3.89
CA PHE A 84 -11.81 -8.08 -4.64
C PHE A 84 -13.10 -8.36 -5.37
N SER A 85 -13.32 -9.59 -5.82
CA SER A 85 -14.52 -9.87 -6.61
C SER A 85 -15.78 -10.05 -5.80
N ARG A 86 -16.16 -8.95 -5.15
CA ARG A 86 -17.33 -8.84 -4.29
C ARG A 86 -17.87 -7.45 -4.68
N ALA A 87 -19.13 -7.35 -5.09
CA ALA A 87 -19.66 -6.05 -5.51
C ALA A 87 -19.80 -5.09 -4.35
N GLY A 88 -19.36 -3.85 -4.56
CA GLY A 88 -19.45 -2.84 -3.52
C GLY A 88 -20.03 -1.55 -4.08
N LEU A 89 -20.65 -0.76 -3.22
CA LEU A 89 -21.25 0.49 -3.64
C LEU A 89 -20.20 1.49 -4.13
N VAL A 90 -20.43 2.09 -5.30
CA VAL A 90 -19.49 3.09 -5.80
C VAL A 90 -20.18 4.39 -6.20
N SER A 91 -21.51 4.40 -6.16
CA SER A 91 -22.23 5.61 -6.53
C SER A 91 -23.71 5.56 -6.15
N ILE A 92 -24.23 6.71 -5.76
CA ILE A 92 -25.64 6.85 -5.45
C ILE A 92 -26.09 8.06 -6.25
N ILE A 93 -26.90 7.85 -7.28
CA ILE A 93 -27.37 8.94 -8.11
C ILE A 93 -28.84 9.18 -7.86
N THR A 94 -29.24 10.43 -7.65
CA THR A 94 -30.64 10.76 -7.41
C THR A 94 -31.24 11.69 -8.45
N MET A 95 -32.49 11.43 -8.77
CA MET A 95 -33.21 12.27 -9.69
C MET A 95 -34.53 12.55 -9.03
N PRO A 96 -34.55 13.51 -8.13
CA PRO A 96 -35.76 13.88 -7.42
C PRO A 96 -36.69 14.65 -8.35
N THR A 97 -37.95 14.79 -7.95
CA THR A 97 -38.92 15.51 -8.76
C THR A 97 -39.02 16.93 -8.25
N THR A 98 -38.64 17.11 -6.99
CA THR A 98 -38.67 18.41 -6.33
C THR A 98 -37.27 18.73 -5.82
N GLY A 99 -36.96 20.01 -5.70
CA GLY A 99 -35.63 20.36 -5.21
C GLY A 99 -34.86 21.28 -6.14
N THR A 100 -33.56 21.35 -5.95
CA THR A 100 -32.73 22.22 -6.77
C THR A 100 -31.61 21.51 -7.52
N GLN A 101 -31.75 20.21 -7.75
CA GLN A 101 -30.73 19.46 -8.48
C GLN A 101 -31.26 18.21 -9.16
N ASN A 102 -30.96 18.09 -10.45
CA ASN A 102 -31.38 16.96 -11.26
C ASN A 102 -32.89 16.76 -11.20
N THR A 103 -33.65 17.84 -11.33
CA THR A 103 -35.11 17.74 -11.30
C THR A 103 -35.70 17.62 -12.71
N ASP A 104 -34.82 17.42 -13.70
CA ASP A 104 -35.26 17.31 -15.11
C ASP A 104 -35.26 15.91 -15.68
N GLY A 105 -35.25 14.90 -14.82
CA GLY A 105 -35.30 13.54 -15.32
C GLY A 105 -34.08 12.98 -16.02
N TYR A 106 -32.92 13.61 -15.83
CA TYR A 106 -31.70 13.07 -16.40
C TYR A 106 -30.52 13.53 -15.58
N VAL A 107 -29.47 12.74 -15.57
CA VAL A 107 -28.27 13.08 -14.82
C VAL A 107 -27.05 12.58 -15.55
N ASN A 108 -26.02 13.41 -15.62
CA ASN A 108 -24.75 13.03 -16.21
C ASN A 108 -23.81 12.86 -15.04
N TRP A 109 -23.46 11.63 -14.75
CA TRP A 109 -22.59 11.37 -13.61
C TRP A 109 -21.17 11.07 -14.05
N ASP A 110 -20.26 11.97 -13.70
CA ASP A 110 -18.85 11.81 -14.02
C ASP A 110 -18.35 10.58 -13.27
N ILE A 111 -17.91 9.55 -13.99
CA ILE A 111 -17.46 8.31 -13.35
C ILE A 111 -16.23 8.44 -12.47
N ASP A 112 -16.46 8.50 -11.16
CA ASP A 112 -15.39 8.62 -10.18
C ASP A 112 -15.73 7.66 -9.05
N LEU A 113 -15.04 6.53 -9.00
CA LEU A 113 -15.27 5.49 -8.00
C LEU A 113 -14.60 5.60 -6.61
N MET A 114 -14.21 6.80 -6.20
CA MET A 114 -13.54 6.95 -4.91
C MET A 114 -14.38 7.66 -3.85
N GLY A 115 -15.70 7.61 -3.99
CA GLY A 115 -16.57 8.28 -3.03
C GLY A 115 -17.08 7.45 -1.87
N TYR A 116 -16.75 6.17 -1.85
CA TYR A 116 -17.20 5.29 -0.79
C TYR A 116 -16.02 4.57 -0.16
N ALA A 117 -15.83 4.85 1.12
CA ALA A 117 -14.71 4.34 1.89
C ALA A 117 -14.37 2.86 1.81
N GLN A 118 -15.34 1.97 1.89
CA GLN A 118 -14.99 0.56 1.90
C GLN A 118 -14.25 0.06 0.67
N LEU A 119 -14.81 0.24 -0.52
CA LEU A 119 -14.14 -0.24 -1.71
C LEU A 119 -12.83 0.53 -1.94
N ARG A 120 -12.86 1.82 -1.64
CA ARG A 120 -11.68 2.64 -1.84
C ARG A 120 -10.47 2.15 -1.05
N ARG A 121 -10.66 1.87 0.25
CA ARG A 121 -9.54 1.43 1.06
C ARG A 121 -8.96 0.11 0.58
N LYS A 122 -9.82 -0.82 0.17
CA LYS A 122 -9.34 -2.10 -0.33
C LYS A 122 -8.48 -1.88 -1.58
N CYS A 123 -8.99 -1.07 -2.50
CA CYS A 123 -8.23 -0.81 -3.72
C CYS A 123 -6.92 -0.11 -3.41
N GLU A 124 -6.95 0.85 -2.49
CA GLU A 124 -5.74 1.60 -2.18
C GLU A 124 -4.69 0.81 -1.40
N LEU A 125 -4.94 -0.47 -1.21
CA LEU A 125 -3.93 -1.31 -0.58
C LEU A 125 -2.81 -1.45 -1.65
N PHE A 126 -3.16 -1.23 -2.90
CA PHE A 126 -2.21 -1.34 -4.01
C PHE A 126 -2.03 -0.03 -4.76
N THR A 127 -0.94 0.09 -5.50
CA THR A 127 -0.66 1.31 -6.24
C THR A 127 -1.30 1.23 -7.63
N TYR A 128 -1.16 0.07 -8.27
CA TYR A 128 -1.73 -0.13 -9.59
C TYR A 128 -2.61 -1.38 -9.60
N MET A 129 -3.74 -1.30 -10.30
CA MET A 129 -4.64 -2.44 -10.43
C MET A 129 -5.24 -2.47 -11.83
N ARG A 130 -5.29 -3.66 -12.41
CA ARG A 130 -5.83 -3.86 -13.74
C ARG A 130 -6.99 -4.84 -13.59
N PHE A 131 -8.13 -4.52 -14.17
CA PHE A 131 -9.27 -5.42 -14.06
C PHE A 131 -10.44 -5.06 -14.95
N ASP A 132 -11.34 -6.02 -15.10
CA ASP A 132 -12.59 -5.82 -15.82
C ASP A 132 -13.56 -5.56 -14.66
N ALA A 133 -14.74 -5.06 -14.95
CA ALA A 133 -15.67 -4.79 -13.87
C ALA A 133 -17.10 -5.10 -14.25
N GLU A 134 -17.87 -5.60 -13.29
CA GLU A 134 -19.27 -5.88 -13.51
C GLU A 134 -20.04 -4.83 -12.74
N PHE A 135 -20.83 -4.03 -13.45
CA PHE A 135 -21.62 -2.97 -12.80
C PHE A 135 -23.06 -3.43 -12.70
N THR A 136 -23.64 -3.26 -11.52
CA THR A 136 -25.03 -3.63 -11.28
C THR A 136 -25.77 -2.38 -10.86
N PHE A 137 -26.94 -2.18 -11.44
CA PHE A 137 -27.74 -0.97 -11.17
C PHE A 137 -29.02 -1.25 -10.39
N VAL A 138 -28.96 -0.98 -9.10
CA VAL A 138 -30.09 -1.18 -8.19
C VAL A 138 -30.84 0.14 -8.08
N VAL A 139 -32.02 0.19 -8.68
CA VAL A 139 -32.81 1.41 -8.73
C VAL A 139 -34.15 1.25 -8.00
N ALA A 140 -34.60 2.32 -7.34
CA ALA A 140 -35.87 2.32 -6.60
C ALA A 140 -36.25 3.77 -6.28
N LYS A 141 -37.42 3.97 -5.70
CA LYS A 141 -37.81 5.31 -5.27
C LYS A 141 -37.04 5.51 -3.95
N PRO A 142 -36.99 6.76 -3.43
CA PRO A 142 -36.26 7.02 -2.17
C PRO A 142 -36.58 6.15 -0.96
N ASN A 143 -37.79 5.61 -0.87
CA ASN A 143 -38.13 4.75 0.27
C ASN A 143 -38.01 3.26 -0.06
N GLY A 144 -37.48 2.94 -1.23
CA GLY A 144 -37.34 1.54 -1.59
C GLY A 144 -38.49 0.93 -2.38
N GLU A 145 -39.57 1.67 -2.60
CA GLU A 145 -40.67 1.14 -3.39
C GLU A 145 -40.33 1.13 -4.88
N LEU A 146 -40.99 0.25 -5.63
CA LEU A 146 -40.74 0.17 -7.06
C LEU A 146 -42.02 0.49 -7.80
N VAL A 147 -41.87 1.16 -8.95
CA VAL A 147 -43.00 1.53 -9.79
C VAL A 147 -42.62 1.19 -11.23
N PRO A 148 -43.62 1.05 -12.12
CA PRO A 148 -43.39 0.73 -13.53
C PRO A 148 -42.86 1.96 -14.27
N GLN A 149 -41.55 2.18 -14.21
CA GLN A 149 -40.92 3.33 -14.84
C GLN A 149 -39.79 2.85 -15.74
N LEU A 150 -39.78 3.31 -16.98
CA LEU A 150 -38.75 2.93 -17.94
C LEU A 150 -37.56 3.88 -17.83
N LEU A 151 -36.35 3.31 -17.81
CA LEU A 151 -35.12 4.11 -17.68
C LEU A 151 -34.10 3.77 -18.75
N GLN A 152 -33.17 4.69 -18.97
CA GLN A 152 -32.08 4.45 -19.92
C GLN A 152 -30.76 4.84 -19.25
N TYR A 153 -29.78 3.96 -19.34
CA TYR A 153 -28.46 4.24 -18.79
C TYR A 153 -27.57 4.20 -20.02
N MET A 154 -26.76 5.22 -20.22
CA MET A 154 -25.88 5.27 -21.36
C MET A 154 -24.44 5.55 -20.95
N TYR A 155 -23.51 4.76 -21.50
CA TYR A 155 -22.10 4.98 -21.21
C TYR A 155 -21.59 5.99 -22.24
N VAL A 156 -21.16 7.15 -21.76
CA VAL A 156 -20.65 8.21 -22.62
C VAL A 156 -19.14 8.34 -22.43
N PRO A 157 -18.34 7.64 -23.25
CA PRO A 157 -16.87 7.70 -23.15
C PRO A 157 -16.34 9.13 -23.31
N PRO A 158 -15.11 9.39 -22.82
CA PRO A 158 -14.53 10.74 -22.94
C PRO A 158 -14.58 11.24 -24.37
N GLY A 159 -15.12 12.43 -24.56
CA GLY A 159 -15.18 12.97 -25.91
C GLY A 159 -16.51 12.75 -26.61
N ALA A 160 -17.38 11.89 -26.07
CA ALA A 160 -18.67 11.70 -26.71
C ALA A 160 -19.59 12.84 -26.21
N PRO A 161 -20.52 13.30 -27.04
CA PRO A 161 -21.38 14.39 -26.56
C PRO A 161 -22.30 13.97 -25.40
N LYS A 162 -22.38 14.80 -24.37
CA LYS A 162 -23.23 14.48 -23.23
C LYS A 162 -24.65 14.97 -23.42
N PRO A 163 -25.64 14.24 -22.86
CA PRO A 163 -27.04 14.64 -22.98
C PRO A 163 -27.20 15.97 -22.24
N THR A 164 -27.99 16.89 -22.80
CA THR A 164 -28.22 18.18 -22.16
C THR A 164 -29.67 18.35 -21.74
N SER A 165 -30.45 17.28 -21.90
CA SER A 165 -31.85 17.29 -21.53
C SER A 165 -32.35 15.86 -21.62
N ARG A 166 -33.56 15.64 -21.15
CA ARG A 166 -34.15 14.32 -21.18
C ARG A 166 -34.40 13.89 -22.64
N ASP A 167 -34.46 14.87 -23.53
CA ASP A 167 -34.73 14.64 -24.96
C ASP A 167 -33.55 14.81 -25.89
N SER A 168 -32.36 15.13 -25.38
CA SER A 168 -31.17 15.35 -26.22
C SER A 168 -30.98 14.27 -27.31
N PHE A 169 -30.41 14.69 -28.42
CA PHE A 169 -30.15 13.78 -29.54
C PHE A 169 -29.20 12.66 -29.12
N ALA A 170 -28.33 12.92 -28.13
CA ALA A 170 -27.38 11.91 -27.70
C ALA A 170 -28.06 10.63 -27.24
N TRP A 171 -29.31 10.71 -26.77
CA TRP A 171 -29.99 9.49 -26.33
C TRP A 171 -30.29 8.53 -27.49
N GLN A 172 -30.08 8.99 -28.72
CA GLN A 172 -30.29 8.14 -29.90
C GLN A 172 -29.34 6.95 -29.77
N THR A 173 -28.26 7.18 -29.02
CA THR A 173 -27.25 6.18 -28.69
C THR A 173 -26.86 5.22 -29.83
N ALA A 174 -26.66 5.76 -31.02
CA ALA A 174 -26.31 4.94 -32.18
C ALA A 174 -24.93 4.28 -32.12
N THR A 175 -24.07 4.75 -31.22
CA THR A 175 -22.75 4.14 -31.10
C THR A 175 -22.43 3.82 -29.65
N ASN A 176 -22.73 4.73 -28.74
CA ASN A 176 -22.51 4.48 -27.31
C ASN A 176 -23.36 3.29 -26.88
N PRO A 177 -22.96 2.59 -25.81
CA PRO A 177 -23.76 1.46 -25.36
C PRO A 177 -24.84 2.01 -24.41
N SER A 178 -26.08 1.56 -24.56
CA SER A 178 -27.14 1.99 -23.65
C SER A 178 -27.88 0.76 -23.14
N VAL A 179 -28.47 0.91 -21.97
CA VAL A 179 -29.28 -0.14 -21.38
C VAL A 179 -30.64 0.48 -21.09
N PHE A 180 -31.71 -0.14 -21.60
CA PHE A 180 -33.07 0.32 -21.31
C PHE A 180 -33.59 -0.74 -20.36
N VAL A 181 -34.09 -0.30 -19.20
CA VAL A 181 -34.58 -1.26 -18.22
C VAL A 181 -35.70 -0.61 -17.41
N LYS A 182 -36.57 -1.43 -16.82
CA LYS A 182 -37.69 -0.93 -16.01
C LYS A 182 -37.28 -1.01 -14.54
N MET A 183 -37.82 -0.14 -13.71
CA MET A 183 -37.50 -0.18 -12.29
C MET A 183 -38.06 -1.46 -11.65
N THR A 184 -39.02 -2.10 -12.31
CA THR A 184 -39.60 -3.33 -11.78
C THR A 184 -38.83 -4.58 -12.22
N ASP A 185 -37.87 -4.40 -13.12
CA ASP A 185 -37.06 -5.53 -13.57
C ASP A 185 -35.96 -5.76 -12.53
N PRO A 186 -35.26 -6.89 -12.64
CA PRO A 186 -34.18 -7.14 -11.68
C PRO A 186 -33.12 -6.06 -11.97
N PRO A 187 -32.17 -5.86 -11.06
CA PRO A 187 -31.15 -4.84 -11.33
C PRO A 187 -30.43 -5.09 -12.68
N ALA A 188 -30.25 -4.05 -13.50
CA ALA A 188 -29.53 -4.18 -14.77
C ALA A 188 -28.08 -4.52 -14.45
N GLN A 189 -27.39 -5.17 -15.39
CA GLN A 189 -26.03 -5.58 -15.10
C GLN A 189 -25.23 -5.76 -16.37
N VAL A 190 -24.02 -5.20 -16.40
CA VAL A 190 -23.16 -5.30 -17.58
C VAL A 190 -21.70 -5.45 -17.21
N SER A 191 -20.91 -5.96 -18.16
CA SER A 191 -19.47 -6.12 -17.99
C SER A 191 -18.77 -5.00 -18.74
N VAL A 192 -17.84 -4.33 -18.07
CA VAL A 192 -17.05 -3.26 -18.64
C VAL A 192 -15.61 -3.76 -18.67
N PRO A 193 -14.95 -3.72 -19.83
CA PRO A 193 -13.56 -4.19 -19.94
C PRO A 193 -12.55 -3.19 -19.33
N PHE A 194 -11.27 -3.55 -19.31
CA PHE A 194 -10.22 -2.66 -18.79
C PHE A 194 -10.01 -1.60 -19.88
N MET A 195 -10.37 -0.35 -19.57
CA MET A 195 -10.35 0.71 -20.58
C MET A 195 -9.30 1.78 -20.56
N SER A 196 -8.34 1.69 -19.67
CA SER A 196 -7.34 2.73 -19.61
C SER A 196 -6.37 2.74 -20.77
N PRO A 197 -5.86 3.93 -21.12
CA PRO A 197 -4.87 4.08 -22.21
C PRO A 197 -3.57 3.43 -21.67
N ALA A 198 -3.44 3.39 -20.33
CA ALA A 198 -2.26 2.81 -19.66
C ALA A 198 -2.47 1.32 -19.39
N SER A 199 -1.44 0.63 -18.86
CA SER A 199 -1.53 -0.81 -18.59
C SER A 199 -2.29 -1.18 -17.33
N ALA A 200 -2.60 -0.19 -16.49
CA ALA A 200 -3.33 -0.43 -15.28
C ALA A 200 -3.91 0.88 -14.78
N TYR A 201 -4.96 0.82 -13.97
CA TYR A 201 -5.51 2.03 -13.37
C TYR A 201 -4.53 2.31 -12.23
N GLN A 202 -4.38 3.58 -11.84
CA GLN A 202 -3.47 3.84 -10.74
C GLN A 202 -4.10 4.72 -9.71
N TRP A 203 -4.15 4.22 -8.49
CA TRP A 203 -4.78 4.95 -7.40
C TRP A 203 -3.89 6.09 -6.90
N PHE A 204 -2.63 6.06 -7.28
CA PHE A 204 -1.72 7.10 -6.86
C PHE A 204 -0.84 7.51 -8.02
N TYR A 205 -0.92 8.79 -8.37
CA TYR A 205 -0.14 9.35 -9.48
C TYR A 205 0.57 10.58 -8.93
N ASP A 206 1.86 10.46 -8.64
CA ASP A 206 2.63 11.58 -8.07
C ASP A 206 3.15 12.50 -9.17
N GLY A 207 2.27 13.37 -9.65
CA GLY A 207 2.65 14.27 -10.70
C GLY A 207 1.51 15.12 -11.22
N TYR A 208 1.77 15.77 -12.34
CA TYR A 208 0.79 16.63 -12.96
C TYR A 208 0.45 16.09 -14.33
N PRO A 209 -0.78 16.35 -14.78
CA PRO A 209 -1.16 15.84 -16.10
C PRO A 209 -0.46 16.51 -17.28
N THR A 210 -0.03 17.76 -17.10
CA THR A 210 0.62 18.49 -18.20
C THR A 210 1.79 19.37 -17.78
N PHE A 211 2.53 19.87 -18.78
CA PHE A 211 3.67 20.75 -18.53
C PHE A 211 3.17 22.14 -18.18
N GLY A 212 4.08 23.00 -17.77
CA GLY A 212 3.70 24.37 -17.48
C GLY A 212 4.14 24.86 -16.14
N GLU A 213 3.77 26.09 -15.81
CA GLU A 213 4.12 26.60 -14.50
C GLU A 213 3.07 25.86 -13.68
N HIS A 214 3.32 25.69 -12.42
CA HIS A 214 2.35 24.99 -11.60
C HIS A 214 2.14 25.95 -10.46
N LEU A 215 1.40 27.01 -10.75
CA LEU A 215 1.12 28.05 -9.77
C LEU A 215 0.07 27.59 -8.80
N GLN A 216 0.14 28.18 -7.61
CA GLN A 216 -0.75 27.85 -6.53
C GLN A 216 -2.22 27.70 -6.97
N ALA A 217 -2.67 28.60 -7.82
CA ALA A 217 -4.05 28.58 -8.28
C ALA A 217 -4.48 27.29 -8.99
N ASN A 218 -3.53 26.49 -9.45
CA ASN A 218 -3.89 25.26 -10.13
C ASN A 218 -3.45 23.97 -9.43
N ASP A 219 -3.16 24.05 -8.14
CA ASP A 219 -2.71 22.85 -7.45
C ASP A 219 -3.72 21.70 -7.43
N LEU A 220 -4.95 21.97 -7.83
CA LEU A 220 -5.95 20.92 -7.92
C LEU A 220 -5.48 19.87 -8.95
N ASP A 221 -4.59 20.28 -9.85
CA ASP A 221 -4.05 19.40 -10.89
C ASP A 221 -3.19 18.28 -10.32
N TYR A 222 -2.53 18.55 -9.21
CA TYR A 222 -1.65 17.57 -8.63
C TYR A 222 -2.32 16.24 -8.31
N GLY A 223 -1.72 15.16 -8.80
CA GLY A 223 -2.27 13.84 -8.55
C GLY A 223 -3.39 13.41 -9.48
N GLN A 224 -3.72 14.23 -10.47
CA GLN A 224 -4.78 13.90 -11.43
C GLN A 224 -4.26 13.11 -12.62
N CYS A 225 -4.64 11.84 -12.67
CA CYS A 225 -4.22 10.94 -13.73
C CYS A 225 -5.31 10.74 -14.78
N PRO A 226 -5.13 11.35 -15.96
CA PRO A 226 -6.19 11.17 -16.97
C PRO A 226 -6.43 9.71 -17.41
N ASN A 227 -5.46 8.84 -17.19
CA ASN A 227 -5.60 7.44 -17.58
C ASN A 227 -6.67 6.69 -16.78
N ASN A 228 -7.19 7.31 -15.72
CA ASN A 228 -8.24 6.69 -14.91
C ASN A 228 -9.59 7.31 -15.25
N MET A 229 -9.56 8.42 -15.99
CA MET A 229 -10.79 9.15 -16.35
C MET A 229 -11.57 8.46 -17.45
N MET A 230 -12.57 7.70 -17.05
CA MET A 230 -13.39 6.93 -17.97
C MET A 230 -14.63 7.61 -18.56
N GLY A 231 -14.78 8.90 -18.35
CA GLY A 231 -15.93 9.60 -18.92
C GLY A 231 -17.17 9.85 -18.08
N THR A 232 -18.33 9.68 -18.71
CA THR A 232 -19.60 9.93 -18.06
C THR A 232 -20.58 8.75 -18.09
N PHE A 233 -21.45 8.71 -17.09
CA PHE A 233 -22.49 7.69 -17.04
C PHE A 233 -23.76 8.52 -17.04
N SER A 234 -24.62 8.34 -18.05
CA SER A 234 -25.82 9.15 -18.15
C SER A 234 -27.09 8.35 -17.99
N ILE A 235 -28.00 8.92 -17.22
CA ILE A 235 -29.25 8.27 -16.92
C ILE A 235 -30.44 9.20 -17.12
N ARG A 236 -31.57 8.64 -17.57
CA ARG A 236 -32.78 9.45 -17.74
C ARG A 236 -34.02 8.58 -17.63
N THR A 237 -35.16 9.22 -17.35
CA THR A 237 -36.42 8.50 -17.37
C THR A 237 -36.76 8.62 -18.87
N VAL A 238 -37.19 7.53 -19.50
CA VAL A 238 -37.44 7.58 -20.94
C VAL A 238 -38.78 8.18 -21.35
N GLY A 239 -38.80 9.49 -21.54
CA GLY A 239 -40.03 10.15 -21.95
C GLY A 239 -39.83 11.63 -22.16
N THR A 240 -40.58 12.21 -23.10
CA THR A 240 -40.48 13.63 -23.36
C THR A 240 -41.23 14.38 -22.26
N GLU A 241 -42.17 13.70 -21.61
CA GLU A 241 -42.91 14.31 -20.50
C GLU A 241 -42.23 13.90 -19.20
N LYS A 242 -42.28 14.76 -18.20
CA LYS A 242 -41.62 14.48 -16.94
C LYS A 242 -42.26 13.36 -16.12
N SER A 243 -41.42 12.52 -15.54
CA SER A 243 -41.89 11.42 -14.71
C SER A 243 -42.26 11.95 -13.33
N PRO A 244 -43.35 11.44 -12.75
CA PRO A 244 -43.78 11.89 -11.42
C PRO A 244 -43.02 11.18 -10.30
N HIS A 245 -42.10 10.30 -10.66
CA HIS A 245 -41.37 9.55 -9.65
C HIS A 245 -39.96 9.99 -9.35
N SER A 246 -39.67 10.15 -8.06
CA SER A 246 -38.33 10.50 -7.65
C SER A 246 -37.55 9.18 -7.77
N ILE A 247 -36.35 9.22 -8.35
CA ILE A 247 -35.59 7.99 -8.56
C ILE A 247 -34.19 7.99 -7.95
N THR A 248 -33.85 6.91 -7.26
CA THR A 248 -32.53 6.77 -6.65
C THR A 248 -31.86 5.51 -7.21
N LEU A 249 -30.68 5.71 -7.77
CA LEU A 249 -29.93 4.63 -8.37
C LEU A 249 -28.67 4.35 -7.56
N ARG A 250 -28.50 3.10 -7.16
CA ARG A 250 -27.29 2.70 -6.43
C ARG A 250 -26.49 1.82 -7.39
N VAL A 251 -25.25 2.22 -7.66
CA VAL A 251 -24.38 1.49 -8.58
C VAL A 251 -23.36 0.66 -7.80
N TYR A 252 -23.29 -0.62 -8.12
CA TYR A 252 -22.35 -1.51 -7.45
C TYR A 252 -21.34 -1.99 -8.48
N MET A 253 -20.09 -2.10 -8.06
CA MET A 253 -19.06 -2.57 -8.97
C MET A 253 -18.35 -3.77 -8.40
N ARG A 254 -18.20 -4.79 -9.23
CA ARG A 254 -17.50 -5.99 -8.82
C ARG A 254 -16.27 -6.16 -9.70
N ILE A 255 -15.11 -6.03 -9.10
CA ILE A 255 -13.82 -6.17 -9.77
C ILE A 255 -13.61 -7.65 -10.17
N LYS A 256 -13.19 -7.89 -11.41
CA LYS A 256 -12.93 -9.28 -11.84
C LYS A 256 -11.75 -9.38 -12.80
N HIS A 257 -11.09 -10.55 -12.84
CA HIS A 257 -9.91 -10.74 -13.72
C HIS A 257 -8.89 -9.69 -13.29
N VAL A 258 -8.65 -9.61 -11.98
CA VAL A 258 -7.78 -8.59 -11.43
C VAL A 258 -6.30 -8.92 -11.27
N ARG A 259 -5.47 -7.90 -11.44
CA ARG A 259 -4.03 -8.00 -11.20
C ARG A 259 -3.68 -6.77 -10.39
N ALA A 260 -2.76 -6.91 -9.44
CA ALA A 260 -2.40 -5.79 -8.59
C ALA A 260 -0.91 -5.73 -8.37
N TRP A 261 -0.42 -4.49 -8.27
CA TRP A 261 1.00 -4.25 -8.08
C TRP A 261 1.31 -3.23 -6.98
N ILE A 262 2.41 -3.48 -6.28
CA ILE A 262 2.95 -2.61 -5.26
C ILE A 262 2.07 -2.28 -4.05
N PRO A 263 2.11 -3.12 -3.03
CA PRO A 263 1.32 -2.91 -1.81
C PRO A 263 1.75 -1.61 -1.14
N ARG A 264 0.84 -0.99 -0.43
CA ARG A 264 1.19 0.21 0.30
C ARG A 264 0.47 0.26 1.63
N PRO A 265 0.95 1.11 2.54
CA PRO A 265 0.30 1.23 3.87
C PRO A 265 -1.20 1.50 3.69
N LEU A 266 -2.04 0.87 4.52
CA LEU A 266 -3.49 1.05 4.44
C LEU A 266 -3.95 2.34 5.10
N ARG A 267 -4.87 3.04 4.44
CA ARG A 267 -5.42 4.31 4.93
C ARG A 267 -5.74 4.23 6.43
N ASN A 268 -5.24 5.18 7.23
CA ASN A 268 -5.54 5.15 8.66
C ASN A 268 -6.18 6.43 9.15
N GLN A 269 -6.58 7.29 8.22
CA GLN A 269 -7.28 8.53 8.57
C GLN A 269 -8.56 8.56 7.74
N PRO A 270 -9.63 9.16 8.26
CA PRO A 270 -10.87 9.21 7.48
C PRO A 270 -10.63 9.89 6.14
N TYR A 271 -11.34 9.44 5.11
CA TYR A 271 -11.22 10.05 3.79
C TYR A 271 -11.97 11.38 3.80
N LEU A 272 -11.47 12.37 3.07
CA LEU A 272 -12.11 13.67 2.99
C LEU A 272 -12.53 14.00 1.56
N PHE A 273 -11.66 13.73 0.60
CA PHE A 273 -11.94 14.05 -0.79
C PHE A 273 -11.70 12.88 -1.72
N LYS A 274 -12.42 12.89 -2.84
CA LYS A 274 -12.33 11.82 -3.81
C LYS A 274 -10.99 11.72 -4.51
N THR A 275 -10.42 12.87 -4.85
CA THR A 275 -9.18 12.89 -5.63
C THR A 275 -7.83 13.11 -4.97
N ASN A 276 -7.80 13.13 -3.65
CA ASN A 276 -6.53 13.33 -2.98
C ASN A 276 -6.57 12.65 -1.64
N PRO A 277 -5.40 12.46 -1.02
CA PRO A 277 -5.35 11.81 0.28
C PRO A 277 -5.36 12.77 1.47
N ASN A 278 -5.89 13.98 1.28
CA ASN A 278 -5.94 14.95 2.38
C ASN A 278 -6.54 14.30 3.62
N TYR A 279 -6.12 14.76 4.79
CA TYR A 279 -6.62 14.25 6.06
C TYR A 279 -6.80 15.44 7.01
N LYS A 280 -7.62 15.26 8.04
CA LYS A 280 -7.88 16.32 9.00
C LYS A 280 -6.69 16.48 9.95
N GLY A 281 -5.88 17.51 9.72
CA GLY A 281 -4.70 17.75 10.53
C GLY A 281 -4.87 17.94 12.03
N ASN A 282 -6.01 18.49 12.45
CA ASN A 282 -6.24 18.72 13.88
C ASN A 282 -6.64 17.47 14.67
N ASP A 283 -6.98 16.40 13.96
CA ASP A 283 -7.35 15.16 14.63
C ASP A 283 -6.75 13.94 13.95
N ILE A 284 -5.43 13.82 14.05
CA ILE A 284 -4.73 12.70 13.44
C ILE A 284 -4.96 11.48 14.33
N LYS A 285 -5.64 10.49 13.76
CA LYS A 285 -5.95 9.26 14.48
C LYS A 285 -4.74 8.37 14.61
N CYS A 286 -4.58 7.73 15.78
CA CYS A 286 -3.49 6.79 15.95
C CYS A 286 -4.01 5.50 15.33
N THR A 287 -3.13 4.70 14.75
CA THR A 287 -3.59 3.47 14.11
C THR A 287 -4.11 2.46 15.11
N SER A 288 -3.56 2.46 16.32
CA SER A 288 -4.02 1.50 17.30
C SER A 288 -4.72 2.18 18.47
N THR A 289 -5.64 1.47 19.14
CA THR A 289 -6.31 2.01 20.31
C THR A 289 -5.26 2.20 21.41
N SER A 290 -5.58 2.95 22.45
CA SER A 290 -4.61 3.20 23.49
C SER A 290 -4.91 2.51 24.82
N ARG A 291 -3.93 2.55 25.72
CA ARG A 291 -4.08 1.98 27.06
C ARG A 291 -3.28 2.86 28.02
N ASP A 292 -3.45 2.64 29.31
CA ASP A 292 -2.77 3.47 30.31
C ASP A 292 -1.28 3.25 30.43
N LYS A 293 -0.88 1.97 30.55
CA LYS A 293 0.54 1.62 30.72
C LYS A 293 0.99 0.53 29.77
N ILE A 294 2.28 0.59 29.45
CA ILE A 294 2.87 -0.37 28.53
C ILE A 294 3.07 -1.74 29.21
N THR A 295 2.89 -1.79 30.52
CA THR A 295 3.07 -3.01 31.30
C THR A 295 1.80 -3.74 31.70
N THR A 296 0.65 -3.14 31.44
CA THR A 296 -0.62 -3.79 31.79
C THR A 296 -1.54 -3.77 30.60
N LEU A 297 -2.38 -4.79 30.50
CA LEU A 297 -3.32 -4.89 29.40
C LEU A 297 -4.51 -3.97 29.64
N GLU B 14 -14.34 -16.67 -29.52
CA GLU B 14 -14.24 -15.66 -28.42
C GLU B 14 -13.08 -14.67 -28.63
N ASN B 15 -13.32 -13.39 -28.34
CA ASN B 15 -12.27 -12.36 -28.46
C ASN B 15 -11.45 -12.43 -27.18
N SER B 16 -10.13 -12.46 -27.31
CA SER B 16 -9.26 -12.54 -26.14
C SER B 16 -9.00 -11.16 -25.53
N ASN B 17 -10.08 -10.53 -25.08
CA ASN B 17 -10.03 -9.19 -24.51
C ASN B 17 -10.28 -9.10 -23.00
N SER B 18 -9.86 -10.12 -22.26
CA SER B 18 -10.00 -10.12 -20.81
C SER B 18 -8.84 -9.30 -20.21
N ALA B 19 -9.06 -8.66 -19.07
CA ALA B 19 -8.03 -7.87 -18.40
C ALA B 19 -6.87 -8.73 -17.89
N SER B 20 -7.16 -10.01 -17.64
CA SER B 20 -6.15 -10.95 -17.15
C SER B 20 -5.41 -11.66 -18.29
N GLU B 21 -5.81 -11.37 -19.52
CA GLU B 21 -5.17 -11.94 -20.70
C GLU B 21 -3.72 -11.46 -20.73
N GLY B 22 -2.78 -12.39 -20.82
CA GLY B 22 -1.38 -12.00 -20.85
C GLY B 22 -0.67 -12.12 -19.52
N SER B 23 -1.25 -12.90 -18.59
CA SER B 23 -0.63 -13.11 -17.29
C SER B 23 -0.24 -14.59 -17.18
N THR B 24 0.68 -14.89 -16.28
CA THR B 24 1.16 -16.26 -16.08
C THR B 24 0.12 -17.18 -15.43
N ILE B 25 -0.80 -16.60 -14.67
CA ILE B 25 -1.84 -17.38 -13.98
C ILE B 25 -3.02 -17.72 -14.89
N ASN B 26 -3.46 -18.97 -14.84
CA ASN B 26 -4.59 -19.44 -15.64
C ASN B 26 -5.83 -19.58 -14.77
N TYR B 27 -6.94 -18.99 -15.21
CA TYR B 27 -8.19 -19.06 -14.45
C TYR B 27 -9.24 -19.87 -15.21
N THR B 28 -10.08 -20.57 -14.48
CA THR B 28 -11.16 -21.36 -15.09
C THR B 28 -12.43 -20.52 -14.90
N THR B 29 -12.93 -19.95 -16.00
CA THR B 29 -14.09 -19.09 -15.95
C THR B 29 -15.26 -19.59 -16.81
N ILE B 30 -16.43 -18.97 -16.64
CA ILE B 30 -17.63 -19.30 -17.40
C ILE B 30 -17.98 -18.09 -18.28
N ASN B 31 -18.47 -18.34 -19.50
CA ASN B 31 -18.83 -17.24 -20.41
C ASN B 31 -19.97 -17.64 -21.37
N TYR B 32 -20.80 -16.67 -21.77
CA TYR B 32 -21.92 -16.92 -22.70
C TYR B 32 -21.88 -15.88 -23.83
N TYR B 33 -20.86 -15.03 -23.82
CA TYR B 33 -20.72 -13.96 -24.81
C TYR B 33 -19.39 -14.06 -25.61
N LYS B 34 -19.34 -13.40 -26.78
CA LYS B 34 -18.15 -13.45 -27.64
C LYS B 34 -16.91 -12.71 -27.11
N ASP B 35 -17.11 -11.88 -26.08
CA ASP B 35 -15.99 -11.13 -25.48
C ASP B 35 -15.56 -11.76 -24.17
N ALA B 36 -14.27 -12.10 -24.08
CA ALA B 36 -13.67 -12.75 -22.90
C ALA B 36 -13.83 -11.99 -21.58
N TYR B 37 -13.85 -10.66 -21.63
CA TYR B 37 -13.99 -9.87 -20.40
C TYR B 37 -15.38 -9.99 -19.76
N ALA B 38 -16.35 -10.52 -20.52
CA ALA B 38 -17.73 -10.70 -20.01
C ALA B 38 -17.81 -11.92 -19.08
N ALA B 39 -16.76 -12.75 -19.12
CA ALA B 39 -16.68 -13.96 -18.32
C ALA B 39 -16.65 -13.71 -16.81
N SER B 40 -16.96 -14.76 -16.05
CA SER B 40 -16.96 -14.70 -14.59
C SER B 40 -15.50 -14.65 -14.13
N ALA B 41 -15.28 -14.22 -12.88
CA ALA B 41 -13.91 -14.13 -12.34
C ALA B 41 -13.29 -15.55 -12.28
N GLY B 42 -14.11 -16.56 -11.99
CA GLY B 42 -13.65 -17.94 -11.91
C GLY B 42 -12.74 -18.24 -10.74
N ARG B 43 -11.84 -19.20 -10.92
CA ARG B 43 -10.90 -19.61 -9.89
C ARG B 43 -9.51 -19.91 -10.47
N GLN B 44 -8.46 -19.62 -9.71
CA GLN B 44 -7.09 -19.86 -10.16
C GLN B 44 -6.88 -21.36 -10.33
N ASP B 45 -6.55 -21.77 -11.55
CA ASP B 45 -6.28 -23.18 -11.89
C ASP B 45 -6.67 -23.45 -13.34
N ALA B 65 15.02 -14.38 -1.89
CA ALA B 65 14.12 -13.86 -0.87
C ALA B 65 12.81 -13.38 -1.51
N PRO B 66 11.72 -13.28 -0.72
CA PRO B 66 10.41 -12.82 -1.21
C PRO B 66 10.48 -11.39 -1.75
N PRO B 67 9.87 -11.14 -2.93
CA PRO B 67 9.90 -9.78 -3.51
C PRO B 67 9.51 -8.63 -2.58
N LEU B 68 8.59 -8.88 -1.66
CA LEU B 68 8.14 -7.84 -0.75
C LEU B 68 8.95 -7.63 0.54
N LYS B 69 9.71 -8.64 0.97
CA LYS B 69 10.49 -8.50 2.21
C LYS B 69 11.86 -7.84 2.01
N SER B 70 11.97 -7.02 0.97
CA SER B 70 13.22 -6.30 0.66
C SER B 70 14.40 -7.27 0.45
N PRO B 71 14.40 -8.02 -0.67
CA PRO B 71 15.45 -8.99 -1.02
C PRO B 71 16.85 -8.40 -1.08
N SER B 72 17.79 -8.99 -0.35
CA SER B 72 19.18 -8.51 -0.36
C SER B 72 19.82 -8.93 -1.68
N ALA B 73 20.90 -8.25 -2.09
CA ALA B 73 21.57 -8.58 -3.35
C ALA B 73 22.02 -10.03 -3.38
N GLU B 74 22.36 -10.56 -2.21
CA GLU B 74 22.80 -11.95 -2.10
C GLU B 74 21.61 -12.92 -2.23
N ALA B 75 20.49 -12.56 -1.63
CA ALA B 75 19.27 -13.37 -1.67
C ALA B 75 18.70 -13.52 -3.08
N CYS B 76 19.02 -12.58 -3.97
CA CYS B 76 18.54 -12.60 -5.35
C CYS B 76 19.53 -13.24 -6.32
N VAL B 82 35.56 -4.50 3.09
CA VAL B 82 35.15 -3.27 2.41
C VAL B 82 34.68 -3.50 0.98
N ALA B 83 33.38 -3.30 0.75
CA ALA B 83 32.82 -3.48 -0.57
C ALA B 83 32.84 -2.18 -1.36
N GLN B 84 32.81 -2.31 -2.68
CA GLN B 84 32.82 -1.16 -3.58
C GLN B 84 31.91 -1.28 -4.81
N LEU B 85 30.97 -0.36 -4.88
CA LEU B 85 30.04 -0.28 -6.00
C LEU B 85 30.56 0.84 -6.90
N THR B 86 30.95 0.49 -8.11
CA THR B 86 31.48 1.46 -9.07
C THR B 86 30.51 1.58 -10.22
N ILE B 87 30.19 2.81 -10.61
CA ILE B 87 29.30 2.98 -11.74
C ILE B 87 29.72 4.29 -12.38
N GLY B 88 30.05 4.24 -13.67
CA GLY B 88 30.51 5.44 -14.36
C GLY B 88 31.88 5.78 -13.79
N ASN B 89 32.13 7.06 -13.55
CA ASN B 89 33.43 7.50 -13.01
C ASN B 89 33.37 7.67 -11.48
N SER B 90 32.45 6.97 -10.83
CA SER B 90 32.27 7.11 -9.40
C SER B 90 32.19 5.80 -8.64
N THR B 91 32.69 5.82 -7.41
CA THR B 91 32.70 4.64 -6.56
C THR B 91 32.30 4.96 -5.12
N ILE B 92 31.36 4.20 -4.55
CA ILE B 92 30.97 4.37 -3.14
C ILE B 92 31.52 3.11 -2.47
N THR B 93 31.61 3.07 -1.15
CA THR B 93 32.12 1.87 -0.50
C THR B 93 31.15 1.38 0.57
N THR B 94 30.64 0.16 0.41
CA THR B 94 29.73 -0.41 1.40
C THR B 94 30.52 -1.50 2.13
N GLN B 95 29.83 -2.58 2.51
CA GLN B 95 30.49 -3.67 3.21
C GLN B 95 30.02 -5.05 2.71
N GLU B 96 28.70 -5.26 2.65
CA GLU B 96 28.15 -6.55 2.22
C GLU B 96 27.06 -6.46 1.15
N ALA B 97 26.95 -7.52 0.34
CA ALA B 97 25.94 -7.64 -0.71
C ALA B 97 24.61 -8.08 -0.09
N ALA B 98 24.68 -8.62 1.13
CA ALA B 98 23.49 -9.04 1.85
C ALA B 98 22.94 -7.80 2.57
N ASN B 99 23.56 -6.66 2.27
CA ASN B 99 23.16 -5.38 2.86
C ASN B 99 22.63 -4.45 1.79
N ILE B 100 22.47 -4.96 0.57
CA ILE B 100 21.93 -4.16 -0.51
C ILE B 100 20.56 -4.70 -0.83
N VAL B 101 19.55 -3.85 -0.74
CA VAL B 101 18.19 -4.27 -1.04
C VAL B 101 17.89 -4.09 -2.53
N ILE B 102 17.29 -5.12 -3.15
CA ILE B 102 16.89 -5.05 -4.56
C ILE B 102 15.35 -4.93 -4.49
N ALA B 103 14.83 -3.72 -4.68
CA ALA B 103 13.39 -3.48 -4.60
C ALA B 103 12.57 -4.44 -5.44
N TYR B 104 11.64 -5.13 -4.77
CA TYR B 104 10.76 -6.08 -5.44
C TYR B 104 11.52 -7.18 -6.17
N GLY B 105 12.76 -7.39 -5.76
CA GLY B 105 13.58 -8.43 -6.37
C GLY B 105 13.88 -8.23 -7.85
N GLU B 106 13.75 -7.00 -8.34
CA GLU B 106 14.04 -6.75 -9.74
C GLU B 106 15.10 -5.72 -10.03
N TRP B 107 16.10 -6.15 -10.76
CA TRP B 107 17.21 -5.30 -11.15
C TRP B 107 16.77 -4.37 -12.30
N PRO B 108 17.27 -3.13 -12.32
CA PRO B 108 16.90 -2.19 -13.39
C PRO B 108 17.30 -2.75 -14.75
N GLU B 109 16.52 -2.43 -15.77
CA GLU B 109 16.79 -2.89 -17.14
C GLU B 109 16.24 -1.84 -18.11
N TYR B 110 16.76 -1.86 -19.34
CA TYR B 110 16.25 -0.97 -20.37
C TYR B 110 14.87 -1.53 -20.78
N CYS B 111 14.00 -0.69 -21.33
CA CYS B 111 12.68 -1.16 -21.73
C CYS B 111 12.76 -2.17 -22.86
N PRO B 112 12.16 -3.37 -22.66
CA PRO B 112 12.18 -4.40 -23.72
C PRO B 112 11.25 -4.01 -24.87
N ASP B 113 11.54 -4.52 -26.06
CA ASP B 113 10.75 -4.21 -27.25
C ASP B 113 9.28 -4.59 -27.11
N THR B 114 9.00 -5.64 -26.34
CA THR B 114 7.62 -6.09 -26.15
C THR B 114 6.78 -5.12 -25.36
N ASP B 115 7.43 -4.29 -24.53
CA ASP B 115 6.69 -3.33 -23.71
C ASP B 115 6.75 -1.91 -24.25
N ALA B 116 7.70 -1.63 -25.15
CA ALA B 116 7.85 -0.30 -25.71
C ALA B 116 6.67 0.08 -26.61
N THR B 117 6.42 1.38 -26.72
CA THR B 117 5.36 1.85 -27.60
C THR B 117 5.88 2.98 -28.52
N ALA B 118 6.64 3.94 -27.98
CA ALA B 118 7.22 5.03 -28.80
C ALA B 118 8.14 4.38 -29.82
N VAL B 119 8.10 4.83 -31.09
CA VAL B 119 8.91 4.19 -32.13
C VAL B 119 10.29 4.76 -32.44
N ASP B 120 10.64 5.92 -31.91
CA ASP B 120 11.98 6.45 -32.21
C ASP B 120 13.07 5.71 -31.44
N LYS B 121 14.27 5.70 -31.99
CA LYS B 121 15.37 5.02 -31.34
C LYS B 121 15.72 5.86 -30.10
N PRO B 122 15.74 5.24 -28.93
CA PRO B 122 16.07 6.01 -27.72
C PRO B 122 17.57 6.31 -27.64
N THR B 123 17.94 7.28 -26.80
CA THR B 123 19.35 7.53 -26.58
C THR B 123 19.65 6.94 -25.18
N ARG B 124 20.72 6.16 -25.08
CA ARG B 124 21.15 5.54 -23.82
C ARG B 124 22.57 6.03 -23.60
N PRO B 125 22.73 7.27 -23.10
CA PRO B 125 24.04 7.88 -22.86
C PRO B 125 25.02 7.16 -21.92
N ASP B 126 24.51 6.21 -21.18
CA ASP B 126 25.35 5.41 -20.31
C ASP B 126 26.20 6.09 -19.21
N VAL B 127 27.53 6.02 -19.28
CA VAL B 127 28.38 6.58 -18.22
C VAL B 127 28.20 8.04 -17.86
N SER B 128 27.70 8.86 -18.77
CA SER B 128 27.54 10.27 -18.43
C SER B 128 26.33 10.49 -17.54
N VAL B 129 25.39 9.53 -17.53
CA VAL B 129 24.18 9.67 -16.72
C VAL B 129 24.02 8.57 -15.66
N ASN B 130 24.52 7.37 -15.92
CA ASN B 130 24.43 6.30 -14.92
C ASN B 130 25.72 6.35 -14.13
N ARG B 131 25.69 7.15 -13.07
CA ARG B 131 26.85 7.39 -12.21
C ARG B 131 26.28 8.00 -10.92
N PHE B 132 27.10 8.08 -9.87
CA PHE B 132 26.64 8.63 -8.59
C PHE B 132 26.65 10.15 -8.45
N PHE B 133 25.50 10.69 -8.04
CA PHE B 133 25.34 12.13 -7.81
C PHE B 133 25.03 12.30 -6.32
N THR B 134 25.73 13.22 -5.66
CA THR B 134 25.50 13.46 -4.24
C THR B 134 24.78 14.78 -4.04
N LEU B 135 23.65 14.74 -3.34
CA LEU B 135 22.84 15.92 -3.08
C LEU B 135 23.27 16.66 -1.82
N ASP B 136 22.63 17.80 -1.55
CA ASP B 136 22.92 18.58 -0.35
C ASP B 136 22.68 17.69 0.86
N THR B 137 23.57 17.80 1.83
CA THR B 137 23.50 17.03 3.05
C THR B 137 22.48 17.57 4.03
N LYS B 138 21.76 16.69 4.73
CA LYS B 138 20.78 17.13 5.73
C LYS B 138 21.43 16.99 7.11
N SER B 139 20.90 17.74 8.08
CA SER B 139 21.43 17.68 9.45
C SER B 139 20.42 17.02 10.38
N TRP B 140 20.82 15.89 10.96
CA TRP B 140 19.95 15.14 11.85
C TRP B 140 20.03 15.73 13.25
N ALA B 141 18.89 16.17 13.77
CA ALA B 141 18.82 16.75 15.11
C ALA B 141 17.96 15.84 16.00
N LYS B 142 18.09 16.01 17.31
CA LYS B 142 17.32 15.20 18.24
C LYS B 142 15.81 15.31 18.03
N ASP B 143 15.37 16.38 17.39
CA ASP B 143 13.93 16.56 17.16
C ASP B 143 13.51 16.58 15.69
N SER B 144 14.37 16.09 14.80
CA SER B 144 14.06 16.06 13.36
C SER B 144 12.82 15.22 13.09
N LYS B 145 12.00 15.66 12.15
CA LYS B 145 10.78 14.94 11.79
C LYS B 145 11.02 13.86 10.73
N GLY B 146 11.82 14.19 9.73
CA GLY B 146 12.07 13.27 8.63
C GLY B 146 12.04 14.02 7.31
N TRP B 147 12.64 13.41 6.29
CA TRP B 147 12.74 14.03 4.97
C TRP B 147 12.28 13.13 3.82
N TYR B 148 12.04 13.74 2.67
CA TYR B 148 11.71 12.98 1.47
C TYR B 148 12.27 13.68 0.25
N TRP B 149 12.52 12.88 -0.79
CA TRP B 149 13.02 13.37 -2.07
C TRP B 149 12.17 12.66 -3.11
N LYS B 150 11.98 13.30 -4.25
CA LYS B 150 11.19 12.71 -5.33
C LYS B 150 12.07 12.39 -6.53
N PHE B 151 11.80 11.24 -7.16
CA PHE B 151 12.56 10.80 -8.33
C PHE B 151 11.73 10.76 -9.60
N PRO B 152 12.28 11.21 -10.73
CA PRO B 152 13.64 11.74 -10.94
C PRO B 152 13.84 13.23 -10.66
N ASP B 153 12.83 13.89 -10.10
CA ASP B 153 12.93 15.32 -9.79
C ASP B 153 14.30 15.73 -9.21
N VAL B 154 14.83 14.97 -8.26
CA VAL B 154 16.12 15.30 -7.64
C VAL B 154 17.25 15.63 -8.61
N LEU B 155 17.27 14.99 -9.77
CA LEU B 155 18.35 15.22 -10.73
C LEU B 155 17.99 15.89 -12.04
N THR B 156 16.79 16.42 -12.17
CA THR B 156 16.43 17.03 -13.46
C THR B 156 17.24 18.27 -13.79
N GLU B 157 17.97 18.81 -12.83
CA GLU B 157 18.80 19.98 -13.10
C GLU B 157 20.24 19.73 -12.76
N VAL B 158 20.62 18.45 -12.71
CA VAL B 158 21.96 18.04 -12.37
C VAL B 158 22.67 17.24 -13.45
N GLY B 159 23.85 17.71 -13.86
CA GLY B 159 24.64 16.99 -14.84
C GLY B 159 24.03 16.65 -16.19
N VAL B 160 24.64 15.70 -16.87
CA VAL B 160 24.18 15.29 -18.18
C VAL B 160 22.83 14.58 -18.07
N PHE B 161 22.55 13.98 -16.92
CA PHE B 161 21.26 13.33 -16.71
C PHE B 161 20.19 14.43 -16.82
N GLY B 162 20.37 15.50 -16.05
CA GLY B 162 19.44 16.60 -16.09
C GLY B 162 19.18 17.11 -17.50
N GLN B 163 20.24 17.36 -18.27
CA GLN B 163 20.10 17.85 -19.63
C GLN B 163 19.25 16.91 -20.48
N ASN B 164 19.52 15.61 -20.39
CA ASN B 164 18.76 14.64 -21.19
C ASN B 164 17.30 14.63 -20.76
N ALA B 165 17.06 14.76 -19.46
CA ALA B 165 15.70 14.76 -18.94
C ALA B 165 14.94 15.98 -19.47
N GLN B 166 15.64 17.09 -19.67
CA GLN B 166 14.98 18.31 -20.16
C GLN B 166 14.85 18.36 -21.68
N PHE B 167 15.80 17.78 -22.40
CA PHE B 167 15.75 17.79 -23.86
C PHE B 167 14.80 16.76 -24.46
N HIS B 168 14.45 15.74 -23.67
CA HIS B 168 13.54 14.69 -24.15
C HIS B 168 12.19 14.66 -23.45
N TYR B 169 11.17 14.35 -24.22
CA TYR B 169 9.84 14.23 -23.68
C TYR B 169 9.78 12.98 -22.79
N LEU B 170 10.33 11.88 -23.30
CA LEU B 170 10.30 10.59 -22.61
C LEU B 170 11.58 10.22 -21.89
N TYR B 171 11.39 9.72 -20.68
CA TYR B 171 12.49 9.31 -19.83
C TYR B 171 12.14 8.02 -19.13
N ARG B 172 13.17 7.29 -18.73
CA ARG B 172 12.98 6.05 -18.04
C ARG B 172 14.29 5.60 -17.41
N SER B 173 14.25 5.08 -16.19
CA SER B 173 15.45 4.53 -15.56
C SER B 173 15.19 3.94 -14.19
N GLY B 174 16.19 3.23 -13.69
CA GLY B 174 16.15 2.66 -12.36
C GLY B 174 17.07 3.55 -11.54
N PHE B 175 17.34 3.20 -10.28
CA PHE B 175 18.21 4.00 -9.44
C PHE B 175 18.88 3.18 -8.37
N CYS B 176 20.10 3.55 -8.03
CA CYS B 176 20.79 2.93 -6.91
C CYS B 176 20.75 4.08 -5.87
N VAL B 177 20.03 3.87 -4.77
CA VAL B 177 19.90 4.91 -3.73
C VAL B 177 20.78 4.52 -2.54
N HIS B 178 21.67 5.42 -2.18
CA HIS B 178 22.61 5.19 -1.09
C HIS B 178 22.53 6.32 -0.06
N VAL B 179 22.08 5.99 1.15
CA VAL B 179 21.95 6.97 2.21
C VAL B 179 23.05 6.73 3.23
N GLN B 180 23.75 7.82 3.58
CA GLN B 180 24.89 7.74 4.49
C GLN B 180 24.73 8.55 5.78
N CYS B 181 25.08 7.93 6.90
CA CYS B 181 25.02 8.61 8.18
C CYS B 181 26.03 8.03 9.17
N ASN B 182 27.05 8.80 9.54
CA ASN B 182 28.06 8.34 10.49
C ASN B 182 27.80 8.91 11.88
N ALA B 183 28.11 8.13 12.91
CA ALA B 183 27.99 8.59 14.29
C ALA B 183 28.93 7.69 15.10
N SER B 184 29.21 8.04 16.35
CA SER B 184 30.12 7.21 17.14
C SER B 184 29.43 6.03 17.80
N LYS B 185 30.25 5.18 18.40
CA LYS B 185 29.75 4.01 19.11
C LYS B 185 29.01 4.42 20.39
N PHE B 186 28.98 5.71 20.68
CA PHE B 186 28.28 6.21 21.86
C PHE B 186 27.02 6.97 21.48
N HIS B 187 26.77 7.08 20.18
CA HIS B 187 25.55 7.75 19.70
C HIS B 187 24.49 6.65 19.52
N GLN B 188 23.24 7.04 19.37
CA GLN B 188 22.20 6.04 19.14
C GLN B 188 21.09 6.70 18.32
N GLY B 189 20.36 5.87 17.58
CA GLY B 189 19.28 6.36 16.74
C GLY B 189 19.04 5.39 15.61
N ALA B 190 17.86 5.49 15.01
CA ALA B 190 17.53 4.61 13.90
C ALA B 190 16.70 5.30 12.83
N LEU B 191 17.21 5.30 11.61
CA LEU B 191 16.50 5.89 10.49
C LEU B 191 15.87 4.77 9.66
N LEU B 192 14.64 4.99 9.22
CA LEU B 192 14.00 4.03 8.33
C LEU B 192 14.18 4.69 6.96
N VAL B 193 14.81 3.99 6.04
CA VAL B 193 15.06 4.51 4.69
C VAL B 193 14.19 3.66 3.77
N ALA B 194 13.21 4.29 3.14
CA ALA B 194 12.30 3.55 2.29
C ALA B 194 11.97 4.23 0.98
N VAL B 195 11.61 3.39 0.00
CA VAL B 195 11.22 3.85 -1.32
C VAL B 195 9.72 3.59 -1.48
N LEU B 196 8.94 4.66 -1.64
CA LEU B 196 7.49 4.56 -1.79
C LEU B 196 7.14 4.95 -3.21
N PRO B 197 6.76 3.96 -4.05
CA PRO B 197 6.41 4.30 -5.43
C PRO B 197 5.18 5.21 -5.42
N GLU B 198 5.08 6.11 -6.40
CA GLU B 198 3.94 7.02 -6.51
C GLU B 198 3.59 7.67 -5.17
N TYR B 199 4.52 8.42 -4.62
CA TYR B 199 4.33 9.07 -3.33
C TYR B 199 3.53 10.37 -3.44
N VAL B 200 2.20 10.22 -3.47
CA VAL B 200 1.30 11.35 -3.56
C VAL B 200 1.13 11.93 -2.17
N LEU B 201 1.37 13.23 -2.06
CA LEU B 201 1.27 13.95 -0.80
C LEU B 201 -0.12 14.54 -0.62
N GLY B 202 -0.53 14.72 0.62
CA GLY B 202 -1.82 15.32 0.90
C GLY B 202 -1.63 16.49 1.86
N THR B 203 -2.68 17.24 2.14
CA THR B 203 -2.56 18.37 3.05
C THR B 203 -3.38 18.06 4.31
N ILE B 204 -3.25 18.95 5.30
CA ILE B 204 -3.96 18.83 6.55
C ILE B 204 -5.40 19.36 6.40
N ALA B 205 -5.80 19.66 5.16
CA ALA B 205 -7.14 20.14 4.84
C ALA B 205 -7.58 21.29 5.73
N GLY B 206 -6.70 22.26 5.91
CA GLY B 206 -7.02 23.40 6.75
C GLY B 206 -7.10 23.11 8.25
N GLY B 207 -6.59 21.96 8.67
CA GLY B 207 -6.63 21.62 10.08
C GLY B 207 -7.96 21.01 10.48
N THR B 208 -9.04 21.71 10.14
CA THR B 208 -10.41 21.28 10.46
C THR B 208 -10.90 20.18 9.53
N GLY B 209 -10.27 20.08 8.36
CA GLY B 209 -10.68 19.07 7.40
C GLY B 209 -11.72 19.62 6.44
N ASN B 210 -12.07 20.90 6.60
CA ASN B 210 -13.09 21.51 5.72
C ASN B 210 -12.51 22.10 4.46
N GLU B 211 -11.22 22.41 4.48
CA GLU B 211 -10.58 23.03 3.32
C GLU B 211 -9.96 22.00 2.37
N ASN B 212 -10.41 22.01 1.12
CA ASN B 212 -9.83 21.12 0.14
C ASN B 212 -8.59 21.76 -0.47
N SER B 213 -7.57 21.96 0.36
CA SER B 213 -6.31 22.55 -0.07
C SER B 213 -5.45 21.48 -0.72
N HIS B 214 -4.41 21.93 -1.44
CA HIS B 214 -3.53 20.99 -2.12
C HIS B 214 -2.07 21.35 -1.91
N PRO B 215 -1.18 20.35 -1.95
CA PRO B 215 0.24 20.62 -1.75
C PRO B 215 0.74 21.49 -2.90
N PRO B 216 1.55 22.53 -2.60
CA PRO B 216 2.04 23.37 -3.70
C PRO B 216 3.21 22.69 -4.44
N TYR B 217 3.53 23.20 -5.63
CA TYR B 217 4.61 22.65 -6.44
C TYR B 217 5.93 22.42 -5.71
N ALA B 218 6.35 23.37 -4.89
CA ALA B 218 7.62 23.21 -4.15
C ALA B 218 7.59 22.06 -3.14
N THR B 219 6.39 21.65 -2.75
CA THR B 219 6.22 20.56 -1.79
C THR B 219 6.16 19.21 -2.52
N THR B 220 5.48 19.15 -3.67
CA THR B 220 5.37 17.89 -4.40
C THR B 220 6.63 17.49 -5.16
N GLN B 221 7.42 18.50 -5.58
CA GLN B 221 8.67 18.28 -6.30
C GLN B 221 9.69 19.28 -5.74
N PRO B 222 10.19 19.02 -4.53
CA PRO B 222 11.16 19.91 -3.89
C PRO B 222 12.54 19.97 -4.52
N GLY B 223 12.77 19.13 -5.52
CA GLY B 223 14.07 19.14 -6.16
C GLY B 223 15.16 18.47 -5.32
N GLN B 224 16.39 18.80 -5.68
CA GLN B 224 17.61 18.28 -5.06
C GLN B 224 17.66 18.38 -3.52
N VAL B 225 17.21 19.51 -2.95
CA VAL B 225 17.28 19.68 -1.49
C VAL B 225 16.30 18.85 -0.67
N GLY B 226 15.30 18.27 -1.33
CA GLY B 226 14.32 17.46 -0.63
C GLY B 226 13.39 18.33 0.19
N ALA B 227 12.56 17.71 1.03
CA ALA B 227 11.65 18.47 1.88
C ALA B 227 11.45 17.76 3.19
N VAL B 228 10.91 18.50 4.15
CA VAL B 228 10.67 17.99 5.49
C VAL B 228 9.22 17.56 5.67
N LEU B 229 9.01 16.47 6.41
CA LEU B 229 7.66 15.97 6.66
C LEU B 229 7.02 16.79 7.79
N THR B 230 5.75 17.16 7.66
CA THR B 230 5.16 17.90 8.78
C THR B 230 4.49 16.93 9.77
N HIS B 231 3.98 15.80 9.25
CA HIS B 231 3.36 14.77 10.08
C HIS B 231 3.89 13.40 9.65
N PRO B 232 5.15 13.11 10.01
CA PRO B 232 5.74 11.82 9.61
C PRO B 232 4.95 10.57 9.98
N TYR B 233 4.21 10.62 11.09
CA TYR B 233 3.42 9.46 11.51
C TYR B 233 2.45 9.00 10.42
N VAL B 234 1.92 9.94 9.63
CA VAL B 234 1.01 9.59 8.54
C VAL B 234 1.63 9.92 7.17
N LEU B 235 2.96 10.05 7.14
CA LEU B 235 3.70 10.34 5.92
C LEU B 235 3.14 11.52 5.12
N ASP B 236 2.50 12.46 5.81
CA ASP B 236 1.88 13.62 5.14
C ASP B 236 0.95 13.15 4.03
N ALA B 237 0.33 11.98 4.21
CA ALA B 237 -0.56 11.45 3.19
C ALA B 237 -1.65 10.53 3.72
N GLY B 238 -1.94 10.63 5.02
CA GLY B 238 -2.99 9.81 5.61
C GLY B 238 -2.79 8.31 5.68
N ILE B 239 -1.54 7.85 5.61
CA ILE B 239 -1.21 6.41 5.68
C ILE B 239 -0.14 6.23 6.75
N PRO B 240 -0.18 5.11 7.48
CA PRO B 240 0.80 4.86 8.55
C PRO B 240 2.26 4.59 8.26
N LEU B 241 3.12 5.38 8.87
CA LEU B 241 4.55 5.20 8.76
C LEU B 241 4.87 3.77 9.25
N SER B 242 4.09 3.27 10.21
CA SER B 242 4.35 1.93 10.76
C SER B 242 4.32 0.81 9.74
N GLN B 243 3.63 1.05 8.63
CA GLN B 243 3.53 0.03 7.59
C GLN B 243 4.44 0.30 6.39
N LEU B 244 5.22 1.36 6.48
CA LEU B 244 6.11 1.73 5.39
C LEU B 244 7.08 0.62 5.04
N THR B 245 7.36 -0.27 6.00
CA THR B 245 8.28 -1.37 5.73
C THR B 245 7.71 -2.37 4.75
N VAL B 246 6.46 -2.17 4.32
CA VAL B 246 5.87 -3.07 3.32
C VAL B 246 6.48 -2.65 1.95
N CYS B 247 7.20 -1.54 1.95
CA CYS B 247 7.88 -1.02 0.76
C CYS B 247 9.37 -1.33 0.86
N PRO B 248 10.10 -1.27 -0.27
CA PRO B 248 11.54 -1.55 -0.24
C PRO B 248 12.19 -0.62 0.78
N HIS B 249 12.96 -1.17 1.71
CA HIS B 249 13.55 -0.31 2.72
C HIS B 249 14.73 -0.96 3.39
N GLN B 250 15.37 -0.16 4.22
CA GLN B 250 16.49 -0.63 5.00
C GLN B 250 16.58 0.31 6.19
N TRP B 251 17.03 -0.23 7.31
CA TRP B 251 17.20 0.56 8.52
C TRP B 251 18.64 0.99 8.63
N ILE B 252 18.87 2.18 9.17
CA ILE B 252 20.22 2.63 9.46
C ILE B 252 20.14 2.75 10.99
N ASN B 253 20.57 1.71 11.67
CA ASN B 253 20.58 1.65 13.14
C ASN B 253 22.04 1.98 13.51
N LEU B 254 22.24 3.19 14.04
CA LEU B 254 23.58 3.68 14.33
C LEU B 254 24.56 2.73 15.00
N ARG B 255 24.08 1.88 15.87
CA ARG B 255 24.96 0.94 16.55
C ARG B 255 25.45 -0.20 15.65
N THR B 256 24.81 -0.40 14.50
CA THR B 256 25.15 -1.50 13.58
C THR B 256 25.64 -1.09 12.20
N ASN B 257 24.99 -0.07 11.62
CA ASN B 257 25.37 0.35 10.28
C ASN B 257 25.34 1.85 10.07
N ASN B 258 26.08 2.33 9.08
CA ASN B 258 26.15 3.75 8.81
C ASN B 258 25.65 4.12 7.39
N CYS B 259 25.05 3.16 6.70
CA CYS B 259 24.56 3.45 5.36
C CYS B 259 23.48 2.46 4.95
N ALA B 260 22.68 2.84 3.97
CA ALA B 260 21.61 1.99 3.45
C ALA B 260 21.69 2.09 1.93
N THR B 261 21.53 0.97 1.24
CA THR B 261 21.59 0.98 -0.20
C THR B 261 20.40 0.20 -0.76
N ILE B 262 19.64 0.85 -1.62
CA ILE B 262 18.48 0.23 -2.25
C ILE B 262 18.55 0.42 -3.76
N ILE B 263 18.40 -0.68 -4.49
CA ILE B 263 18.42 -0.61 -5.95
C ILE B 263 16.95 -0.69 -6.39
N VAL B 264 16.54 0.32 -7.16
CA VAL B 264 15.15 0.45 -7.58
C VAL B 264 14.94 0.32 -9.08
N PRO B 265 14.05 -0.60 -9.50
CA PRO B 265 13.78 -0.76 -10.93
C PRO B 265 12.76 0.28 -11.33
N TYR B 266 12.62 0.53 -12.62
CA TYR B 266 11.63 1.49 -13.11
C TYR B 266 10.22 0.90 -12.87
N MET B 267 9.33 1.70 -12.27
CA MET B 267 7.97 1.24 -12.00
C MET B 267 6.95 2.26 -12.49
N ASN B 268 6.06 1.84 -13.37
CA ASN B 268 5.07 2.77 -13.91
C ASN B 268 4.06 1.96 -14.71
N THR B 269 2.93 2.58 -15.05
CA THR B 269 1.89 1.91 -15.83
C THR B 269 2.12 2.12 -17.33
N VAL B 270 3.18 2.87 -17.66
CA VAL B 270 3.57 3.15 -19.03
C VAL B 270 5.08 2.87 -19.09
N PRO B 271 5.60 2.45 -20.26
CA PRO B 271 7.03 2.14 -20.40
C PRO B 271 8.02 3.29 -20.31
N PHE B 272 7.60 4.50 -20.66
CA PHE B 272 8.44 5.71 -20.58
C PHE B 272 7.48 6.79 -20.12
N ASP B 273 8.01 7.88 -19.57
CA ASP B 273 7.15 8.95 -19.11
C ASP B 273 7.97 10.24 -18.98
N SER B 274 7.28 11.34 -18.69
CA SER B 274 7.97 12.62 -18.53
C SER B 274 8.69 12.68 -17.19
N ALA B 275 9.98 13.00 -17.24
CA ALA B 275 10.78 13.14 -16.03
C ALA B 275 10.37 14.40 -15.29
N LEU B 276 9.70 15.32 -15.98
CA LEU B 276 9.28 16.56 -15.38
C LEU B 276 7.91 16.49 -14.72
N ASN B 277 6.93 15.95 -15.43
CA ASN B 277 5.58 15.90 -14.90
C ASN B 277 5.29 14.81 -13.88
N HIS B 278 6.07 13.75 -13.91
CA HIS B 278 5.77 12.62 -13.05
C HIS B 278 6.96 12.07 -12.26
N CYS B 279 6.79 11.93 -10.95
CA CYS B 279 7.85 11.35 -10.13
C CYS B 279 7.42 9.93 -9.85
N ASN B 280 8.23 8.97 -10.29
CA ASN B 280 7.91 7.56 -10.12
C ASN B 280 7.92 7.08 -8.69
N PHE B 281 8.76 7.67 -7.85
CA PHE B 281 8.80 7.27 -6.45
C PHE B 281 9.42 8.31 -5.55
N GLY B 282 9.16 8.16 -4.26
CA GLY B 282 9.75 9.06 -3.30
C GLY B 282 10.70 8.28 -2.41
N LEU B 283 11.74 8.95 -1.93
CA LEU B 283 12.68 8.34 -0.99
C LEU B 283 12.33 8.97 0.35
N LEU B 284 12.10 8.15 1.36
CA LEU B 284 11.76 8.65 2.70
C LEU B 284 12.85 8.24 3.67
N VAL B 285 13.32 9.19 4.48
CA VAL B 285 14.34 8.94 5.51
C VAL B 285 13.73 9.52 6.77
N ILE B 286 13.29 8.63 7.66
CA ILE B 286 12.61 9.06 8.87
C ILE B 286 13.19 8.50 10.14
N PRO B 287 13.50 9.37 11.10
CA PRO B 287 14.06 8.91 12.37
C PRO B 287 12.95 8.30 13.23
N VAL B 288 12.81 6.98 13.19
CA VAL B 288 11.78 6.30 13.97
C VAL B 288 12.24 6.23 15.43
N VAL B 289 13.54 6.06 15.65
CA VAL B 289 14.08 6.09 16.99
C VAL B 289 14.93 7.34 16.94
N PRO B 290 14.57 8.36 17.71
CA PRO B 290 15.33 9.61 17.70
C PRO B 290 16.80 9.55 18.03
N LEU B 291 17.54 10.47 17.43
CA LEU B 291 18.96 10.57 17.64
C LEU B 291 19.23 10.96 19.09
N ASP B 292 20.24 10.36 19.70
CA ASP B 292 20.59 10.74 21.06
C ASP B 292 22.06 10.49 21.31
N PHE B 293 22.62 11.26 22.25
CA PHE B 293 24.02 11.17 22.63
C PHE B 293 24.21 12.07 23.84
N ASN B 294 25.30 11.86 24.58
CA ASN B 294 25.60 12.68 25.75
C ASN B 294 26.26 13.99 25.34
N THR B 295 26.04 15.02 26.17
CA THR B 295 26.60 16.34 25.91
C THR B 295 28.11 16.21 25.82
N GLY B 296 28.67 16.74 24.75
CA GLY B 296 30.12 16.65 24.55
C GLY B 296 30.47 15.76 23.38
N ALA B 297 29.55 14.85 23.03
CA ALA B 297 29.80 13.98 21.88
C ALA B 297 29.45 14.88 20.69
N THR B 298 30.00 14.57 19.51
CA THR B 298 29.73 15.39 18.34
C THR B 298 28.23 15.49 18.12
N SER B 299 27.73 16.71 18.02
CA SER B 299 26.30 16.92 17.83
C SER B 299 25.92 17.19 16.39
N GLU B 300 26.92 17.40 15.53
CA GLU B 300 26.64 17.65 14.12
C GLU B 300 26.69 16.31 13.38
N ILE B 301 25.53 15.66 13.31
CA ILE B 301 25.40 14.37 12.66
C ILE B 301 24.63 14.51 11.36
N PRO B 302 25.34 14.54 10.23
CA PRO B 302 24.65 14.68 8.95
C PRO B 302 24.14 13.39 8.30
N ILE B 303 23.25 13.57 7.32
CA ILE B 303 22.70 12.46 6.56
C ILE B 303 22.91 12.89 5.11
N THR B 304 23.55 12.04 4.33
CA THR B 304 23.85 12.36 2.94
C THR B 304 23.27 11.36 1.99
N VAL B 305 22.68 11.86 0.91
CA VAL B 305 22.05 11.01 -0.09
C VAL B 305 22.84 11.02 -1.39
N THR B 306 23.21 9.84 -1.84
CA THR B 306 23.97 9.70 -3.09
C THR B 306 23.17 8.72 -3.95
N ILE B 307 22.85 9.16 -5.17
CA ILE B 307 22.04 8.35 -6.06
C ILE B 307 22.59 8.24 -7.47
N ALA B 308 22.39 7.07 -8.06
CA ALA B 308 22.84 6.83 -9.42
C ALA B 308 21.74 6.27 -10.30
N PRO B 309 21.45 6.98 -11.40
CA PRO B 309 20.42 6.51 -12.34
C PRO B 309 21.01 5.20 -12.89
N MET B 310 20.19 4.23 -13.24
CA MET B 310 20.70 2.98 -13.81
C MET B 310 19.86 2.70 -15.05
N CYS B 311 20.51 2.39 -16.17
CA CYS B 311 19.80 2.12 -17.43
C CYS B 311 18.93 3.29 -17.85
N ALA B 312 19.43 4.51 -17.69
CA ALA B 312 18.63 5.66 -18.07
C ALA B 312 18.57 5.75 -19.59
N GLU B 313 17.37 5.98 -20.11
CA GLU B 313 17.17 6.13 -21.53
C GLU B 313 16.15 7.21 -21.79
N PHE B 314 16.29 7.88 -22.92
CA PHE B 314 15.41 8.98 -23.26
C PHE B 314 14.93 8.90 -24.71
N ALA B 315 13.80 9.52 -25.00
CA ALA B 315 13.26 9.52 -26.34
C ALA B 315 12.37 10.74 -26.53
N GLY B 316 11.99 11.01 -27.78
CA GLY B 316 11.15 12.16 -28.07
C GLY B 316 11.95 13.44 -27.89
N LEU B 317 13.04 13.53 -28.63
CA LEU B 317 13.95 14.67 -28.58
C LEU B 317 13.36 15.96 -29.16
N ARG B 318 13.66 17.08 -28.52
CA ARG B 318 13.25 18.42 -28.99
C ARG B 318 14.07 19.45 -28.24
N GLN B 319 13.52 20.62 -27.96
CA GLN B 319 14.29 21.64 -27.24
C GLN B 319 14.23 21.36 -25.75
N ALA B 320 15.12 22.01 -25.00
CA ALA B 320 15.15 21.81 -23.56
C ALA B 320 13.92 22.45 -22.90
N VAL B 321 13.26 21.69 -22.03
CA VAL B 321 12.08 22.17 -21.31
C VAL B 321 12.37 21.93 -19.83
N LYS B 322 12.27 22.97 -19.02
CA LYS B 322 12.55 22.85 -17.59
C LYS B 322 11.38 22.32 -16.78
N GLN B 323 10.15 22.62 -17.22
CA GLN B 323 8.94 22.13 -16.56
C GLN B 323 7.70 22.44 -17.39
N GLY C 1 -41.16 -23.63 -26.42
CA GLY C 1 -39.77 -23.63 -25.88
C GLY C 1 -39.49 -24.72 -24.87
N ILE C 2 -38.22 -24.83 -24.48
CA ILE C 2 -37.77 -25.80 -23.50
C ILE C 2 -38.45 -25.56 -22.15
N PRO C 3 -39.00 -26.61 -21.56
CA PRO C 3 -39.69 -26.53 -20.26
C PRO C 3 -38.73 -26.17 -19.14
N THR C 4 -39.03 -25.09 -18.42
CA THR C 4 -38.19 -24.66 -17.31
C THR C 4 -39.08 -24.24 -16.13
N GLU C 5 -38.48 -24.22 -14.95
CA GLU C 5 -39.18 -23.84 -13.72
C GLU C 5 -38.27 -22.88 -12.94
N LEU C 6 -38.72 -21.66 -12.67
CA LEU C 6 -37.89 -20.71 -11.93
C LEU C 6 -37.82 -21.12 -10.47
N LYS C 7 -36.61 -21.10 -9.91
CA LYS C 7 -36.40 -21.50 -8.53
C LYS C 7 -36.12 -20.33 -7.59
N PRO C 8 -36.26 -20.56 -6.28
CA PRO C 8 -36.00 -19.50 -5.29
C PRO C 8 -34.59 -18.98 -5.56
N GLY C 9 -34.42 -17.66 -5.49
CA GLY C 9 -33.12 -17.07 -5.77
C GLY C 9 -33.27 -16.22 -7.04
N THR C 10 -34.30 -16.55 -7.81
CA THR C 10 -34.62 -15.85 -9.05
C THR C 10 -34.75 -14.34 -8.85
N ASN C 11 -34.06 -13.58 -9.70
CA ASN C 11 -34.07 -12.12 -9.67
C ASN C 11 -33.23 -11.48 -8.58
N GLN C 12 -32.70 -12.27 -7.66
CA GLN C 12 -31.93 -11.67 -6.59
C GLN C 12 -30.55 -11.24 -7.07
N PHE C 13 -30.03 -10.20 -6.43
CA PHE C 13 -28.69 -9.72 -6.73
C PHE C 13 -27.84 -10.05 -5.50
N LEU C 14 -26.98 -11.06 -5.61
CA LEU C 14 -26.09 -11.45 -4.51
C LEU C 14 -24.74 -10.84 -4.90
N THR C 15 -24.23 -9.93 -4.07
CA THR C 15 -22.98 -9.23 -4.38
C THR C 15 -21.75 -10.06 -4.63
N THR C 16 -21.70 -11.27 -4.07
CA THR C 16 -20.54 -12.13 -4.26
C THR C 16 -20.78 -13.17 -5.35
N ASP C 17 -21.93 -13.11 -6.01
CA ASP C 17 -22.24 -14.06 -7.08
C ASP C 17 -21.25 -13.86 -8.24
N ASP C 18 -20.57 -14.92 -8.63
CA ASP C 18 -19.60 -14.84 -9.71
C ASP C 18 -20.22 -15.31 -11.01
N GLY C 19 -20.97 -14.44 -11.64
CA GLY C 19 -21.58 -14.81 -12.90
C GLY C 19 -21.02 -14.12 -14.11
N VAL C 20 -21.73 -14.29 -15.22
CA VAL C 20 -21.40 -13.71 -16.49
C VAL C 20 -22.40 -12.58 -16.76
N SER C 21 -21.93 -11.52 -17.41
CA SER C 21 -22.78 -10.37 -17.74
C SER C 21 -22.48 -9.95 -19.17
N ALA C 22 -23.48 -9.36 -19.82
CA ALA C 22 -23.32 -8.93 -21.20
C ALA C 22 -22.22 -7.86 -21.33
N PRO C 23 -21.30 -8.04 -22.28
CA PRO C 23 -20.21 -7.08 -22.51
C PRO C 23 -20.76 -5.86 -23.26
N ILE C 24 -20.48 -4.67 -22.75
CA ILE C 24 -20.98 -3.45 -23.39
C ILE C 24 -20.24 -3.02 -24.67
N LEU C 25 -19.04 -3.53 -24.91
CA LEU C 25 -18.25 -3.12 -26.06
C LEU C 25 -17.77 -4.27 -26.91
N PRO C 26 -18.51 -4.60 -27.97
CA PRO C 26 -18.08 -5.70 -28.82
C PRO C 26 -16.78 -5.45 -29.61
N GLY C 27 -15.89 -6.45 -29.59
CA GLY C 27 -14.64 -6.35 -30.33
C GLY C 27 -13.58 -5.48 -29.69
N PHE C 28 -13.85 -5.00 -28.49
CA PHE C 28 -12.92 -4.15 -27.78
C PHE C 28 -11.74 -4.95 -27.24
N HIS C 29 -10.53 -4.42 -27.41
CA HIS C 29 -9.30 -5.06 -26.91
C HIS C 29 -8.58 -4.06 -26.04
N PRO C 30 -8.22 -4.46 -24.81
CA PRO C 30 -7.53 -3.56 -23.89
C PRO C 30 -6.07 -3.27 -24.23
N THR C 31 -5.56 -2.17 -23.66
CA THR C 31 -4.15 -1.81 -23.81
C THR C 31 -3.41 -3.05 -23.25
N PRO C 32 -2.43 -3.59 -23.98
CA PRO C 32 -1.75 -4.76 -23.43
C PRO C 32 -1.06 -4.48 -22.10
N PRO C 33 -0.84 -5.51 -21.29
CA PRO C 33 -0.18 -5.25 -20.01
C PRO C 33 1.33 -5.17 -20.26
N ILE C 34 2.05 -4.42 -19.45
CA ILE C 34 3.50 -4.34 -19.60
C ILE C 34 4.02 -4.86 -18.29
N HIS C 35 5.28 -5.25 -18.26
CA HIS C 35 5.83 -5.74 -17.03
C HIS C 35 5.98 -4.63 -15.99
N ILE C 36 5.48 -4.88 -14.78
CA ILE C 36 5.59 -3.89 -13.70
C ILE C 36 6.09 -4.63 -12.47
N PRO C 37 7.16 -4.14 -11.84
CA PRO C 37 7.68 -4.81 -10.64
C PRO C 37 6.67 -4.78 -9.52
N GLY C 38 6.77 -5.75 -8.60
CA GLY C 38 5.87 -5.76 -7.45
C GLY C 38 4.47 -6.33 -7.57
N GLU C 39 4.22 -7.20 -8.53
CA GLU C 39 2.87 -7.76 -8.62
C GLU C 39 2.61 -8.68 -7.43
N VAL C 40 1.41 -8.64 -6.85
CA VAL C 40 1.13 -9.60 -5.80
C VAL C 40 -0.11 -10.38 -6.19
N HIS C 41 -0.14 -11.65 -5.77
CA HIS C 41 -1.23 -12.57 -6.09
C HIS C 41 -2.09 -12.98 -4.91
N ASN C 42 -1.49 -12.97 -3.72
CA ASN C 42 -2.21 -13.41 -2.54
C ASN C 42 -1.86 -12.49 -1.38
N LEU C 43 -2.88 -12.06 -0.65
CA LEU C 43 -2.65 -11.16 0.49
C LEU C 43 -1.67 -11.72 1.52
N LEU C 44 -1.52 -13.05 1.58
CA LEU C 44 -0.58 -13.62 2.54
C LEU C 44 0.85 -13.11 2.30
N GLU C 45 1.18 -12.80 1.05
CA GLU C 45 2.52 -12.29 0.74
C GLU C 45 2.75 -11.02 1.54
N ILE C 46 1.71 -10.22 1.71
CA ILE C 46 1.84 -8.97 2.45
C ILE C 46 1.87 -9.25 3.96
N CYS C 47 1.05 -10.20 4.41
CA CYS C 47 1.00 -10.55 5.82
C CYS C 47 2.33 -11.07 6.36
N ARG C 48 3.20 -11.53 5.48
CA ARG C 48 4.49 -12.05 5.90
C ARG C 48 5.55 -10.99 5.98
N VAL C 49 5.21 -9.76 5.62
CA VAL C 49 6.17 -8.67 5.67
C VAL C 49 6.04 -8.00 7.02
N GLU C 50 7.15 -7.85 7.73
CA GLU C 50 7.11 -7.21 9.04
C GLU C 50 6.77 -5.72 8.98
N THR C 51 5.94 -5.26 9.90
CA THR C 51 5.60 -3.85 9.98
C THR C 51 5.62 -3.50 11.45
N ILE C 52 5.73 -2.22 11.78
CA ILE C 52 5.86 -1.79 13.16
C ILE C 52 4.64 -1.90 14.04
N LEU C 53 4.88 -2.47 15.22
CA LEU C 53 3.90 -2.71 16.27
C LEU C 53 3.90 -1.53 17.25
N GLU C 54 2.73 -0.96 17.54
CA GLU C 54 2.68 0.14 18.50
C GLU C 54 2.53 -0.41 19.92
N VAL C 55 3.61 -0.98 20.44
CA VAL C 55 3.63 -1.54 21.78
C VAL C 55 3.41 -0.43 22.81
N ASN C 56 3.99 0.73 22.52
CA ASN C 56 3.91 1.90 23.39
C ASN C 56 2.69 2.74 23.02
N ASN C 57 1.53 2.09 22.95
CA ASN C 57 0.27 2.75 22.57
C ASN C 57 -0.44 3.39 23.76
N LEU C 58 0.19 4.40 24.33
CA LEU C 58 -0.35 5.09 25.51
C LEU C 58 -1.37 6.19 25.22
N LYS C 59 -2.29 6.41 26.16
CA LYS C 59 -3.26 7.48 26.00
C LYS C 59 -2.50 8.80 26.02
N THR C 60 -1.40 8.84 26.78
CA THR C 60 -0.59 10.04 26.89
C THR C 60 0.33 10.40 25.73
N ASN C 61 0.36 9.60 24.67
CA ASN C 61 1.20 10.02 23.54
C ASN C 61 0.42 10.05 22.24
N GLU C 62 -0.91 10.09 22.33
CA GLU C 62 -1.72 10.15 21.14
C GLU C 62 -1.47 11.41 20.33
N THR C 63 -1.05 12.49 20.99
CA THR C 63 -0.78 13.75 20.28
C THR C 63 0.65 13.85 19.74
N THR C 64 1.49 12.88 20.08
CA THR C 64 2.87 12.80 19.57
C THR C 64 2.97 11.32 19.13
N PRO C 65 2.08 10.91 18.20
CA PRO C 65 2.03 9.53 17.71
C PRO C 65 3.35 8.84 17.33
N MET C 66 4.34 9.61 16.90
CA MET C 66 5.64 8.99 16.56
C MET C 66 6.22 8.21 17.73
N GLN C 67 5.94 8.65 18.94
CA GLN C 67 6.48 7.99 20.13
C GLN C 67 5.89 6.61 20.36
N ARG C 68 4.83 6.29 19.64
CA ARG C 68 4.19 5.00 19.79
C ARG C 68 4.97 3.91 19.06
N LEU C 69 5.83 4.33 18.13
CA LEU C 69 6.60 3.39 17.31
C LEU C 69 7.80 2.71 17.96
N CYS C 70 8.15 3.07 19.18
CA CYS C 70 9.25 2.38 19.86
C CYS C 70 9.05 2.51 21.37
N PHE C 71 9.63 1.59 22.13
CA PHE C 71 9.46 1.65 23.57
C PHE C 71 10.81 1.64 24.27
N PRO C 72 10.87 2.25 25.46
CA PRO C 72 12.10 2.34 26.23
C PRO C 72 12.61 1.15 27.02
N VAL C 73 13.93 1.14 27.16
CA VAL C 73 14.67 0.15 27.92
C VAL C 73 15.74 1.06 28.57
N SER C 74 16.12 0.77 29.82
CA SER C 74 17.09 1.62 30.51
C SER C 74 17.69 0.93 31.71
N VAL C 75 18.72 1.56 32.29
CA VAL C 75 19.39 1.00 33.46
C VAL C 75 18.40 0.79 34.60
N GLN C 76 18.32 -0.44 35.09
CA GLN C 76 17.42 -0.80 36.19
C GLN C 76 18.17 -0.87 37.51
N SER C 77 17.50 -0.52 38.59
CA SER C 77 18.13 -0.55 39.90
C SER C 77 17.63 -1.76 40.70
N LYS C 78 16.52 -2.34 40.22
CA LYS C 78 15.91 -3.51 40.85
C LYS C 78 15.91 -4.58 39.73
N THR C 79 16.27 -5.82 40.05
CA THR C 79 16.34 -6.86 39.02
C THR C 79 15.04 -7.55 38.65
N GLY C 80 15.05 -8.17 37.47
CA GLY C 80 13.90 -8.91 36.97
C GLY C 80 12.66 -8.11 36.60
N GLU C 81 12.84 -6.81 36.35
CA GLU C 81 11.72 -5.94 36.00
C GLU C 81 11.03 -6.26 34.67
N LEU C 82 9.74 -5.96 34.62
CA LEU C 82 8.96 -6.13 33.42
C LEU C 82 9.20 -4.88 32.57
N CYS C 83 9.54 -5.06 31.31
CA CYS C 83 9.79 -3.93 30.45
C CYS C 83 8.53 -3.55 29.65
N ALA C 84 7.84 -4.53 29.09
CA ALA C 84 6.62 -4.29 28.32
C ALA C 84 5.81 -5.56 28.20
N ALA C 85 4.49 -5.42 28.04
CA ALA C 85 3.61 -6.56 27.87
C ALA C 85 2.51 -6.18 26.91
N PHE C 86 2.01 -7.17 26.17
CA PHE C 86 0.90 -6.94 25.26
C PHE C 86 0.37 -8.28 24.78
N ARG C 87 -0.89 -8.31 24.36
CA ARG C 87 -1.47 -9.57 23.89
C ARG C 87 -0.91 -9.96 22.52
N ALA C 88 -1.02 -11.24 22.20
CA ALA C 88 -0.52 -11.73 20.92
C ALA C 88 -1.63 -11.93 19.87
N ASP C 89 -2.80 -11.34 20.08
CA ASP C 89 -3.91 -11.47 19.12
C ASP C 89 -3.73 -10.49 17.97
N PRO C 90 -3.38 -11.00 16.78
CA PRO C 90 -3.14 -10.17 15.60
C PRO C 90 -4.28 -9.30 15.10
N GLY C 91 -5.52 -9.71 15.34
CA GLY C 91 -6.63 -8.91 14.85
C GLY C 91 -7.36 -8.12 15.92
N ARG C 92 -6.79 -8.08 17.11
CA ARG C 92 -7.41 -7.40 18.23
C ARG C 92 -6.96 -5.96 18.41
N ASP C 93 -7.81 -5.13 19.02
CA ASP C 93 -7.44 -3.73 19.25
C ASP C 93 -6.20 -3.71 20.12
N GLY C 94 -5.28 -2.82 19.80
CA GLY C 94 -4.05 -2.73 20.55
C GLY C 94 -2.85 -2.61 19.63
N PRO C 95 -1.65 -2.94 20.11
CA PRO C 95 -0.40 -2.86 19.34
C PRO C 95 -0.41 -3.45 17.94
N TRP C 96 -1.08 -4.60 17.75
CA TRP C 96 -1.09 -5.22 16.43
C TRP C 96 -1.85 -4.44 15.37
N GLN C 97 -2.74 -3.54 15.79
CA GLN C 97 -3.52 -2.74 14.86
C GLN C 97 -2.66 -1.90 13.95
N SER C 98 -1.45 -1.54 14.38
CA SER C 98 -0.62 -0.70 13.54
C SER C 98 0.11 -1.47 12.45
N THR C 99 0.10 -2.80 12.55
CA THR C 99 0.80 -3.60 11.54
C THR C 99 -0.10 -3.90 10.35
N ILE C 100 0.51 -4.10 9.19
CA ILE C 100 -0.29 -4.41 8.04
C ILE C 100 -0.88 -5.82 8.20
N LEU C 101 -0.22 -6.66 8.98
CA LEU C 101 -0.75 -8.01 9.25
C LEU C 101 -2.06 -7.81 10.00
N GLY C 102 -2.02 -6.96 11.03
CA GLY C 102 -3.21 -6.70 11.81
C GLY C 102 -4.36 -6.14 10.98
N GLN C 103 -4.05 -5.19 10.10
CA GLN C 103 -5.08 -4.58 9.27
C GLN C 103 -5.66 -5.53 8.22
N LEU C 104 -4.85 -6.43 7.67
CA LEU C 104 -5.38 -7.38 6.70
C LEU C 104 -6.19 -8.44 7.47
N CYS C 105 -5.76 -8.78 8.67
CA CYS C 105 -6.50 -9.74 9.50
C CYS C 105 -7.93 -9.27 9.66
N ARG C 106 -8.12 -7.95 9.74
CA ARG C 106 -9.45 -7.42 9.94
C ARG C 106 -10.40 -7.54 8.74
N TYR C 107 -9.88 -8.01 7.62
CA TYR C 107 -10.71 -8.23 6.44
C TYR C 107 -11.13 -9.69 6.40
N TYR C 108 -10.82 -10.42 7.47
CA TYR C 108 -11.17 -11.83 7.59
C TYR C 108 -11.67 -12.13 8.99
N THR C 109 -12.46 -13.19 9.14
CA THR C 109 -13.04 -13.52 10.43
C THR C 109 -12.17 -14.39 11.28
N GLN C 110 -11.44 -15.28 10.63
CA GLN C 110 -10.61 -16.25 11.32
C GLN C 110 -9.20 -16.32 10.75
N TRP C 111 -8.27 -16.74 11.59
CA TRP C 111 -6.88 -16.89 11.16
C TRP C 111 -6.30 -18.14 11.82
N SER C 112 -5.11 -18.51 11.36
CA SER C 112 -4.42 -19.67 11.88
C SER C 112 -2.95 -19.58 11.53
N GLY C 113 -2.09 -20.10 12.39
CA GLY C 113 -0.67 -20.11 12.08
C GLY C 113 0.22 -19.46 13.11
N SER C 114 1.51 -19.58 12.88
CA SER C 114 2.50 -19.01 13.77
C SER C 114 2.83 -17.59 13.36
N LEU C 115 3.15 -16.77 14.35
CA LEU C 115 3.48 -15.37 14.12
C LEU C 115 4.94 -15.15 14.54
N GLU C 116 5.49 -14.01 14.14
CA GLU C 116 6.85 -13.65 14.49
C GLU C 116 6.89 -12.21 14.95
N VAL C 117 7.56 -11.98 16.06
CA VAL C 117 7.73 -10.63 16.57
C VAL C 117 9.23 -10.39 16.63
N THR C 118 9.67 -9.39 15.89
CA THR C 118 11.09 -9.04 15.86
C THR C 118 11.31 -7.78 16.68
N PHE C 119 12.33 -7.82 17.52
CA PHE C 119 12.67 -6.68 18.35
C PHE C 119 14.01 -6.15 17.90
N MET C 120 14.07 -4.85 17.62
CA MET C 120 15.31 -4.22 17.19
C MET C 120 15.75 -3.19 18.23
N PHE C 121 16.90 -3.44 18.85
CA PHE C 121 17.46 -2.53 19.85
C PHE C 121 18.18 -1.39 19.14
N ALA C 122 17.80 -0.16 19.44
CA ALA C 122 18.42 0.98 18.78
C ALA C 122 19.16 1.89 19.75
N GLY C 123 19.77 1.29 20.77
CA GLY C 123 20.57 2.06 21.71
C GLY C 123 21.96 2.15 21.09
N SER C 124 22.96 2.55 21.85
CA SER C 124 24.30 2.67 21.27
C SER C 124 25.05 1.34 21.21
N PHE C 125 26.16 1.36 20.48
CA PHE C 125 27.00 0.18 20.35
C PHE C 125 27.59 -0.16 21.73
N MET C 126 27.82 0.86 22.55
CA MET C 126 28.41 0.64 23.87
C MET C 126 27.43 0.09 24.91
N ALA C 127 26.14 0.09 24.62
CA ALA C 127 25.15 -0.43 25.56
C ALA C 127 25.00 -1.94 25.35
N THR C 128 24.89 -2.70 26.44
CA THR C 128 24.73 -4.15 26.33
C THR C 128 23.74 -4.61 27.39
N GLY C 129 23.29 -5.86 27.28
CA GLY C 129 22.34 -6.39 28.23
C GLY C 129 21.59 -7.58 27.66
N LYS C 130 20.80 -8.23 28.50
CA LYS C 130 20.01 -9.38 28.07
C LYS C 130 18.58 -9.22 28.54
N MET C 131 17.63 -9.55 27.68
CA MET C 131 16.22 -9.49 28.02
C MET C 131 15.64 -10.91 27.84
N LEU C 132 14.56 -11.21 28.56
CA LEU C 132 13.89 -12.50 28.42
C LEU C 132 12.54 -12.16 27.79
N ILE C 133 12.29 -12.71 26.61
CA ILE C 133 11.04 -12.44 25.89
C ILE C 133 10.23 -13.70 25.92
N ALA C 134 9.02 -13.60 26.49
CA ALA C 134 8.16 -14.74 26.64
C ALA C 134 6.79 -14.65 26.01
N TYR C 135 6.33 -15.81 25.55
CA TYR C 135 5.00 -15.97 24.98
C TYR C 135 4.32 -16.94 25.94
N THR C 136 3.29 -16.45 26.61
CA THR C 136 2.53 -17.24 27.57
C THR C 136 1.22 -17.69 26.92
N PRO C 137 1.04 -19.01 26.69
CA PRO C 137 -0.20 -19.49 26.09
C PRO C 137 -1.38 -19.15 27.02
N PRO C 138 -2.60 -19.23 26.51
CA PRO C 138 -3.83 -18.93 27.27
C PRO C 138 -3.94 -19.60 28.63
N GLY C 139 -4.56 -18.93 29.59
CA GLY C 139 -4.74 -19.49 30.90
C GLY C 139 -4.93 -18.47 32.01
N GLY C 140 -4.13 -17.42 31.98
CA GLY C 140 -4.27 -16.42 33.03
C GLY C 140 -4.07 -15.03 32.51
N ASN C 141 -3.52 -14.18 33.36
CA ASN C 141 -3.27 -12.78 32.99
C ASN C 141 -1.77 -12.60 32.79
N VAL C 142 -1.33 -11.36 32.68
CA VAL C 142 0.08 -11.09 32.51
C VAL C 142 0.84 -11.75 33.67
N PRO C 143 1.86 -12.58 33.37
CA PRO C 143 2.63 -13.22 34.47
C PRO C 143 3.06 -12.11 35.43
N ALA C 144 2.93 -12.38 36.73
CA ALA C 144 3.27 -11.36 37.72
C ALA C 144 4.74 -11.02 37.86
N ASP C 145 5.61 -11.93 37.43
CA ASP C 145 7.04 -11.70 37.55
C ASP C 145 7.80 -12.59 36.57
N ARG C 146 9.10 -12.33 36.45
CA ARG C 146 9.90 -13.09 35.51
C ARG C 146 9.98 -14.57 35.82
N ILE C 147 10.04 -14.93 37.10
CA ILE C 147 10.17 -16.34 37.43
C ILE C 147 8.91 -17.13 37.06
N THR C 148 7.82 -16.42 36.82
CA THR C 148 6.57 -17.06 36.38
C THR C 148 6.54 -17.05 34.84
N ALA C 149 6.92 -15.92 34.24
CA ALA C 149 6.92 -15.82 32.78
C ALA C 149 7.85 -16.82 32.11
N MET C 150 8.99 -17.11 32.74
CA MET C 150 9.97 -18.02 32.15
C MET C 150 9.49 -19.47 32.04
N LEU C 151 8.33 -19.75 32.62
CA LEU C 151 7.79 -21.12 32.56
C LEU C 151 7.17 -21.38 31.18
N GLY C 152 6.94 -20.31 30.43
CA GLY C 152 6.34 -20.46 29.11
C GLY C 152 7.35 -20.45 27.97
N THR C 153 6.86 -20.28 26.76
CA THR C 153 7.73 -20.24 25.60
C THR C 153 8.53 -18.95 25.68
N HIS C 154 9.84 -19.06 25.52
CA HIS C 154 10.63 -17.85 25.61
C HIS C 154 12.00 -17.96 24.99
N VAL C 155 12.59 -16.80 24.77
CA VAL C 155 13.92 -16.71 24.20
C VAL C 155 14.68 -15.66 25.03
N ILE C 156 15.97 -15.90 25.23
CA ILE C 156 16.81 -14.95 25.96
C ILE C 156 17.65 -14.24 24.92
N TRP C 157 17.52 -12.91 24.89
CA TRP C 157 18.19 -12.07 23.91
C TRP C 157 19.29 -11.18 24.46
N ASP C 158 20.46 -11.24 23.85
CA ASP C 158 21.56 -10.37 24.27
C ASP C 158 21.62 -9.24 23.25
N PHE C 159 21.07 -8.08 23.58
CA PHE C 159 21.06 -6.99 22.61
C PHE C 159 22.41 -6.32 22.45
N GLY C 160 23.36 -6.72 23.27
CA GLY C 160 24.70 -6.18 23.12
C GLY C 160 25.26 -6.85 21.89
N LEU C 161 25.22 -8.19 21.85
CA LEU C 161 25.72 -9.02 20.76
C LEU C 161 24.90 -8.99 19.47
N GLN C 162 23.57 -8.94 19.57
CA GLN C 162 22.79 -8.88 18.35
C GLN C 162 21.66 -7.86 18.48
N SER C 163 21.64 -6.91 17.55
CA SER C 163 20.67 -5.83 17.57
C SER C 163 19.21 -6.22 17.39
N SER C 164 18.99 -7.34 16.73
CA SER C 164 17.63 -7.82 16.49
C SER C 164 17.51 -9.26 16.93
N VAL C 165 16.33 -9.61 17.40
CA VAL C 165 16.04 -10.98 17.78
C VAL C 165 14.59 -11.21 17.34
N THR C 166 14.26 -12.46 17.07
CA THR C 166 12.90 -12.76 16.66
C THR C 166 12.29 -13.78 17.61
N LEU C 167 11.13 -13.45 18.13
CA LEU C 167 10.40 -14.35 19.01
C LEU C 167 9.36 -15.00 18.13
N VAL C 168 9.35 -16.32 18.06
CA VAL C 168 8.33 -16.97 17.29
C VAL C 168 7.16 -17.28 18.23
N VAL C 169 5.95 -16.86 17.86
CA VAL C 169 4.76 -17.15 18.64
C VAL C 169 4.15 -18.34 17.90
N PRO C 170 4.54 -19.57 18.29
CA PRO C 170 4.01 -20.75 17.61
C PRO C 170 2.51 -20.92 17.79
N TRP C 171 1.87 -21.45 16.75
CA TRP C 171 0.44 -21.69 16.81
C TRP C 171 0.14 -22.76 17.85
N ILE C 172 -0.44 -22.33 18.98
CA ILE C 172 -0.81 -23.22 20.08
C ILE C 172 -2.24 -22.84 20.38
N SER C 173 -3.17 -23.66 19.90
CA SER C 173 -4.60 -23.39 20.03
C SER C 173 -5.37 -24.69 20.18
N ASN C 174 -6.60 -24.61 20.69
CA ASN C 174 -7.41 -25.82 20.76
C ASN C 174 -8.03 -26.03 19.38
N THR C 175 -8.64 -24.98 18.84
CA THR C 175 -9.25 -25.00 17.51
C THR C 175 -8.19 -24.82 16.40
N HIS C 176 -8.51 -25.29 15.20
CA HIS C 176 -7.63 -25.16 14.04
C HIS C 176 -7.53 -23.71 13.55
N TYR C 177 -8.56 -22.92 13.85
CA TYR C 177 -8.61 -21.51 13.48
C TYR C 177 -9.14 -20.72 14.67
N ARG C 178 -8.80 -19.44 14.72
CA ARG C 178 -9.29 -18.58 15.79
C ARG C 178 -10.08 -17.42 15.18
N ALA C 179 -11.23 -17.09 15.75
CA ALA C 179 -11.96 -15.91 15.29
C ALA C 179 -11.17 -14.85 16.09
N HIS C 180 -11.33 -13.58 15.79
CA HIS C 180 -10.57 -12.56 16.52
C HIS C 180 -11.05 -12.39 17.94
N ALA C 181 -10.12 -12.55 18.88
CA ALA C 181 -10.47 -12.45 20.29
C ALA C 181 -10.81 -11.04 20.72
N ARG C 182 -11.71 -10.94 21.69
CA ARG C 182 -12.14 -9.67 22.27
C ARG C 182 -12.89 -10.04 23.54
N ALA C 183 -13.03 -9.08 24.45
CA ALA C 183 -13.72 -9.32 25.71
C ALA C 183 -15.04 -10.06 25.52
N GLY C 184 -15.35 -10.97 26.44
CA GLY C 184 -16.58 -11.74 26.33
C GLY C 184 -16.28 -13.15 25.86
N TYR C 185 -17.31 -13.83 25.39
CA TYR C 185 -17.17 -15.20 24.94
C TYR C 185 -16.01 -15.38 23.95
N PHE C 186 -15.74 -14.38 23.13
CA PHE C 186 -14.68 -14.55 22.16
C PHE C 186 -13.28 -14.53 22.75
N ASP C 187 -13.16 -14.36 24.06
CA ASP C 187 -11.85 -14.41 24.66
C ASP C 187 -11.36 -15.85 24.62
N TYR C 188 -12.28 -16.74 24.27
CA TYR C 188 -12.00 -18.15 24.11
C TYR C 188 -10.90 -18.29 23.04
N TYR C 189 -10.86 -17.33 22.11
CA TYR C 189 -9.89 -17.37 21.03
C TYR C 189 -8.60 -16.63 21.29
N THR C 190 -8.38 -16.12 22.51
CA THR C 190 -7.14 -15.37 22.71
C THR C 190 -5.89 -16.23 22.49
N THR C 191 -4.87 -15.60 21.94
CA THR C 191 -3.62 -16.27 21.61
C THR C 191 -2.72 -16.38 22.82
N GLY C 192 -2.84 -15.43 23.71
CA GLY C 192 -1.98 -15.44 24.87
C GLY C 192 -1.32 -14.09 25.07
N ILE C 193 -0.21 -14.08 25.78
CA ILE C 193 0.46 -12.85 26.12
C ILE C 193 1.95 -12.84 25.83
N ILE C 194 2.45 -11.67 25.46
CA ILE C 194 3.86 -11.50 25.20
C ILE C 194 4.39 -10.51 26.23
N THR C 195 5.51 -10.87 26.86
CA THR C 195 6.14 -10.01 27.86
C THR C 195 7.64 -9.99 27.62
N ILE C 196 8.25 -8.84 27.90
CA ILE C 196 9.68 -8.73 27.76
C ILE C 196 10.20 -8.23 29.10
N TRP C 197 11.12 -9.01 29.66
CA TRP C 197 11.72 -8.74 30.99
C TRP C 197 13.23 -8.53 30.89
N TYR C 198 13.80 -7.89 31.92
CA TYR C 198 15.24 -7.71 31.99
C TYR C 198 15.80 -9.03 32.50
N GLN C 199 16.70 -9.65 31.73
CA GLN C 199 17.31 -10.92 32.16
C GLN C 199 18.50 -10.53 33.05
N THR C 200 19.35 -9.63 32.56
CA THR C 200 20.46 -9.11 33.36
C THR C 200 20.09 -7.63 33.56
N ASN C 201 20.74 -6.73 32.82
CA ASN C 201 20.39 -5.31 32.95
C ASN C 201 20.86 -4.58 31.72
N TYR C 202 20.32 -3.39 31.51
CA TYR C 202 20.77 -2.55 30.41
C TYR C 202 21.99 -1.88 31.05
N VAL C 203 23.16 -2.07 30.47
CA VAL C 203 24.39 -1.53 31.03
C VAL C 203 25.17 -0.66 30.06
N VAL C 204 25.74 0.44 30.54
CA VAL C 204 26.55 1.31 29.70
C VAL C 204 27.76 1.88 30.42
N PRO C 205 28.79 2.28 29.65
CA PRO C 205 29.98 2.85 30.25
C PRO C 205 29.65 4.34 30.40
N ILE C 206 30.57 5.11 30.97
CA ILE C 206 30.38 6.54 31.08
C ILE C 206 30.31 7.08 29.63
N GLY C 207 29.47 8.08 29.39
CA GLY C 207 29.41 8.67 28.06
C GLY C 207 28.34 8.23 27.08
N ALA C 208 27.54 7.24 27.47
CA ALA C 208 26.48 6.76 26.59
C ALA C 208 25.15 6.95 27.32
N PRO C 209 24.07 7.19 26.56
CA PRO C 209 22.75 7.38 27.19
C PRO C 209 22.30 6.19 28.04
N THR C 210 21.63 6.47 29.14
CA THR C 210 21.15 5.43 30.05
C THR C 210 19.74 4.93 29.71
N THR C 211 19.16 5.50 28.66
CA THR C 211 17.83 5.09 28.17
C THR C 211 17.94 4.96 26.65
N ALA C 212 17.37 3.89 26.10
CA ALA C 212 17.38 3.72 24.66
C ALA C 212 16.02 3.15 24.28
N TYR C 213 15.81 2.90 22.99
CA TYR C 213 14.52 2.38 22.58
C TYR C 213 14.62 1.14 21.74
N ILE C 214 13.55 0.39 21.75
CA ILE C 214 13.43 -0.83 20.98
C ILE C 214 12.24 -0.68 20.05
N VAL C 215 12.40 -1.12 18.81
CA VAL C 215 11.31 -1.08 17.84
C VAL C 215 10.86 -2.52 17.67
N ALA C 216 9.55 -2.78 17.78
CA ALA C 216 9.04 -4.14 17.59
C ALA C 216 8.25 -4.24 16.29
N LEU C 217 8.51 -5.29 15.53
CA LEU C 217 7.80 -5.52 14.26
C LEU C 217 7.16 -6.91 14.28
N ALA C 218 6.09 -7.10 13.51
CA ALA C 218 5.42 -8.39 13.47
C ALA C 218 4.99 -8.80 12.07
N ALA C 219 4.94 -10.10 11.85
CA ALA C 219 4.55 -10.65 10.57
C ALA C 219 4.09 -12.08 10.82
N ALA C 220 3.47 -12.65 9.80
CA ALA C 220 3.00 -14.03 9.87
C ALA C 220 4.06 -14.93 9.29
N GLN C 221 4.09 -16.19 9.72
CA GLN C 221 5.02 -17.17 9.15
C GLN C 221 4.31 -17.83 7.95
N ASP C 222 5.02 -18.72 7.27
CA ASP C 222 4.47 -19.40 6.10
C ASP C 222 3.28 -20.31 6.34
N ASN C 223 3.02 -20.68 7.60
CA ASN C 223 1.90 -21.57 7.87
C ASN C 223 0.63 -20.78 8.24
N PHE C 224 0.70 -19.46 8.10
CA PHE C 224 -0.42 -18.60 8.44
C PHE C 224 -1.42 -18.46 7.27
N THR C 225 -2.71 -18.55 7.57
CA THR C 225 -3.76 -18.38 6.57
C THR C 225 -4.91 -17.63 7.23
N MET C 226 -5.85 -17.14 6.43
CA MET C 226 -7.01 -16.43 6.95
C MET C 226 -8.25 -16.99 6.28
N LYS C 227 -9.40 -16.81 6.93
CA LYS C 227 -10.62 -17.38 6.40
C LYS C 227 -11.85 -16.53 6.68
N LEU C 228 -12.82 -16.63 5.76
CA LEU C 228 -14.11 -15.94 5.83
C LEU C 228 -13.94 -14.44 5.71
N CYS C 229 -13.77 -14.01 4.47
CA CYS C 229 -13.58 -12.63 4.10
C CYS C 229 -14.76 -11.76 4.60
N LYS C 230 -14.45 -10.60 5.19
CA LYS C 230 -15.50 -9.71 5.71
C LYS C 230 -15.02 -8.26 5.71
N ASP C 231 -15.93 -7.33 5.97
CA ASP C 231 -15.58 -5.92 6.01
C ASP C 231 -14.85 -5.60 7.31
N THR C 232 -13.97 -4.62 7.27
CA THR C 232 -13.18 -4.22 8.44
C THR C 232 -13.85 -3.15 9.28
N GLU C 233 -13.49 -3.12 10.56
CA GLU C 233 -14.00 -2.11 11.48
C GLU C 233 -13.12 -0.87 11.43
N ASP C 234 -11.96 -0.98 10.80
CA ASP C 234 -11.03 0.13 10.78
C ASP C 234 -11.15 1.23 9.73
N ILE C 235 -12.30 1.29 9.07
CA ILE C 235 -12.56 2.41 8.15
C ILE C 235 -14.07 2.58 8.15
N GLU C 236 -14.50 3.83 8.24
CA GLU C 236 -15.92 4.14 8.25
C GLU C 236 -16.16 5.31 7.34
N GLN C 237 -17.40 5.75 7.31
CA GLN C 237 -17.77 6.90 6.51
C GLN C 237 -18.94 7.54 7.22
N THR C 238 -18.70 8.72 7.77
CA THR C 238 -19.70 9.44 8.53
C THR C 238 -20.30 10.57 7.71
N ALA C 239 -19.56 11.01 6.70
CA ALA C 239 -20.02 12.09 5.84
C ALA C 239 -19.61 11.83 4.40
N ASN C 240 -20.12 12.65 3.49
CA ASN C 240 -19.74 12.51 2.10
C ASN C 240 -18.24 12.71 1.93
N ILE C 241 -17.69 11.99 0.96
CA ILE C 241 -16.30 12.13 0.61
C ILE C 241 -16.47 13.02 -0.62
N GLN C 242 -15.98 14.26 -0.57
CA GLN C 242 -16.16 15.22 -1.66
C GLN C 242 -15.18 15.27 -2.85
C1 STE D . -11.42 6.59 -10.72
O1 STE D . -12.53 6.67 -10.16
O2 STE D . -10.42 7.24 -10.34
C2 STE D . -11.29 5.69 -11.93
C3 STE D . -11.31 4.24 -11.49
C4 STE D . -11.28 3.28 -12.67
C5 STE D . -12.68 2.79 -13.00
C6 STE D . -12.66 1.84 -14.17
C7 STE D . -14.06 1.41 -14.53
C8 STE D . -14.65 2.38 -15.53
C9 STE D . -16.06 1.98 -15.90
C10 STE D . -16.75 3.08 -16.70
C11 STE D . -18.13 3.36 -16.14
C12 STE D . -19.19 2.52 -16.87
C13 STE D . -20.57 2.76 -16.25
C14 STE D . -21.52 1.71 -16.74
C15 STE D . -22.19 2.14 -18.02
C16 STE D . -22.90 0.96 -18.65
C17 STE D . -24.30 1.36 -19.10
C18 STE D . -24.58 0.87 -20.51
CL CL E . -26.71 2.56 0.50
K K F . 1.10 -28.09 3.33
CL CL G . -0.20 20.26 4.69
#